data_9S1S
#
_entry.id   9S1S
#
_cell.length_a   102.342
_cell.length_b   158.093
_cell.length_c   69.274
_cell.angle_alpha   90.000
_cell.angle_beta   124.593
_cell.angle_gamma   90.000
#
_symmetry.space_group_name_H-M   'C 1 2 1'
#
loop_
_entity.id
_entity.type
_entity.pdbx_description
1 polymer 'Dual specificity protein phosphatase CDC14A'
2 polymer 'Model phosphohexapeptide'
3 non-polymer GLYCEROL
4 non-polymer 'SULFATE ION'
5 water water
#
loop_
_entity_poly.entity_id
_entity_poly.type
_entity_poly.pdbx_seq_one_letter_code
_entity_poly.pdbx_strand_id
1 'polypeptide(L)'
;AAESGELIGACEFMKDRLYFATLRNRPKSTINIHYFSIDEELVYENFYADFGPLNLAMVYRYCCKLNKKLKSYSLSRKKI
VHYTSFDQRKRANAAFLIGAYAVIYLKKTPEEAYRALLSGSNPPYLPFRDASFGNCTYNLTVLDCLQGIRKGLQHGFFDF
ETFDAEEYEHYERVENGDFNWIVPGKFLAFSGPHPKSKIENGYPLHAPEAYFPYFKKNNVTTIVRLNKKIYEAKRFTDAG
FEHYDLFFIDGSTPSDNIVRRFLNICENTEGAIAVHSKAGLGRTGTLIACYVMKHYRFTHAEIIAWIRICRPGSIIGPQQ
HFLKEKQASLWVQGDIFRSKLKNR
;
A,B
2 'polypeptide(L)' A(SEP)PRRR E
#
loop_
_chem_comp.id
_chem_comp.type
_chem_comp.name
_chem_comp.formula
GOL non-polymer GLYCEROL 'C3 H8 O3'
SO4 non-polymer 'SULFATE ION' 'O4 S -2'
#
# COMPACT_ATOMS: atom_id res chain seq x y z
N GLU A 6 -33.66 32.39 -20.42
CA GLU A 6 -32.52 33.07 -21.03
C GLU A 6 -31.34 33.10 -20.07
N LEU A 7 -30.37 32.20 -20.25
CA LEU A 7 -29.22 32.08 -19.34
C LEU A 7 -29.67 31.95 -17.89
N ILE A 8 -30.85 31.37 -17.66
CA ILE A 8 -31.34 31.12 -16.32
C ILE A 8 -30.64 29.88 -15.77
N GLY A 9 -30.03 30.01 -14.59
CA GLY A 9 -29.25 28.93 -14.02
C GLY A 9 -27.81 28.91 -14.46
N ALA A 10 -27.43 29.72 -15.45
CA ALA A 10 -26.03 29.86 -15.84
C ALA A 10 -25.22 30.47 -14.71
N CYS A 11 -23.93 30.13 -14.66
CA CYS A 11 -23.00 30.64 -13.66
C CYS A 11 -22.25 31.82 -14.24
N GLU A 12 -22.27 32.94 -13.51
CA GLU A 12 -21.65 34.17 -13.99
C GLU A 12 -20.20 34.24 -13.51
N PHE A 13 -19.26 34.30 -14.46
CA PHE A 13 -17.85 34.52 -14.14
C PHE A 13 -17.37 35.93 -14.40
N MET A 14 -17.90 36.60 -15.41
CA MET A 14 -17.63 38.02 -15.65
C MET A 14 -18.97 38.69 -15.91
N LYS A 15 -19.24 39.76 -15.19
CA LYS A 15 -20.60 40.31 -15.16
C LYS A 15 -21.02 40.69 -16.57
N ASP A 16 -22.14 40.14 -17.01
CA ASP A 16 -22.72 40.44 -18.32
C ASP A 16 -21.77 40.12 -19.46
N ARG A 17 -20.82 39.21 -19.24
CA ARG A 17 -19.77 38.97 -20.23
C ARG A 17 -19.41 37.50 -20.40
N LEU A 18 -19.21 36.75 -19.30
CA LEU A 18 -18.76 35.36 -19.34
C LEU A 18 -19.62 34.49 -18.44
N TYR A 19 -20.15 33.39 -19.00
CA TYR A 19 -21.02 32.49 -18.27
C TYR A 19 -20.64 31.02 -18.54
N PHE A 20 -20.98 30.14 -17.60
CA PHE A 20 -20.87 28.69 -17.77
C PHE A 20 -22.26 28.09 -17.63
N ALA A 21 -22.69 27.29 -18.61
CA ALA A 21 -24.04 26.75 -18.64
C ALA A 21 -24.01 25.25 -18.90
N THR A 22 -24.98 24.55 -18.33
CA THR A 22 -25.22 23.13 -18.58
C THR A 22 -26.48 23.01 -19.40
N LEU A 23 -26.37 22.44 -20.61
CA LEU A 23 -27.47 22.43 -21.56
C LEU A 23 -27.70 21.03 -22.11
N ARG A 24 -28.97 20.60 -22.15
CA ARG A 24 -29.30 19.28 -22.69
C ARG A 24 -29.01 19.20 -24.18
N ASN A 25 -29.36 20.24 -24.92
CA ASN A 25 -29.25 20.27 -26.36
C ASN A 25 -28.36 21.43 -26.80
N ARG A 26 -27.82 21.32 -28.01
CA ARG A 26 -26.91 22.33 -28.51
C ARG A 26 -27.63 23.67 -28.63
N PRO A 27 -27.12 24.74 -28.03
CA PRO A 27 -27.76 26.04 -28.18
C PRO A 27 -27.39 26.67 -29.52
N LYS A 28 -28.06 27.78 -29.81
CA LYS A 28 -27.90 28.51 -31.06
C LYS A 28 -27.41 29.92 -30.76
N SER A 29 -26.25 30.28 -31.31
CA SER A 29 -25.72 31.60 -31.03
C SER A 29 -26.63 32.65 -31.65
N THR A 30 -26.62 33.84 -31.05
CA THR A 30 -27.52 34.93 -31.45
C THR A 30 -26.72 36.21 -31.57
N ILE A 31 -27.39 37.29 -31.97
CA ILE A 31 -26.76 38.61 -31.99
C ILE A 31 -26.26 39.01 -30.60
N ASN A 32 -26.84 38.47 -29.52
CA ASN A 32 -26.47 38.86 -28.17
C ASN A 32 -25.57 37.85 -27.44
N ILE A 33 -25.50 36.60 -27.88
CA ILE A 33 -24.90 35.53 -27.09
C ILE A 33 -24.10 34.62 -28.02
N HIS A 34 -22.83 34.40 -27.69
CA HIS A 34 -22.00 33.42 -28.36
C HIS A 34 -21.85 32.19 -27.46
N TYR A 35 -22.28 31.04 -27.96
CA TYR A 35 -22.15 29.76 -27.27
C TYR A 35 -20.96 28.98 -27.82
N PHE A 36 -20.19 28.37 -26.92
CA PHE A 36 -19.18 27.40 -27.35
C PHE A 36 -19.04 26.29 -26.30
N SER A 37 -18.72 25.10 -26.79
CA SER A 37 -18.46 23.93 -25.97
C SER A 37 -17.14 23.29 -26.38
N ILE A 38 -16.44 22.70 -25.41
CA ILE A 38 -15.18 22.01 -25.68
C ILE A 38 -15.30 20.50 -25.48
N ASP A 39 -16.53 20.00 -25.23
CA ASP A 39 -16.72 18.62 -24.83
C ASP A 39 -16.22 17.61 -25.85
N GLU A 40 -16.32 17.93 -27.14
CA GLU A 40 -15.80 17.05 -28.18
C GLU A 40 -14.40 17.45 -28.64
N GLU A 41 -13.88 18.56 -28.17
CA GLU A 41 -12.57 19.05 -28.59
C GLU A 41 -11.46 18.62 -27.63
N LEU A 42 -11.70 18.75 -26.33
CA LEU A 42 -10.70 18.49 -25.30
C LEU A 42 -11.20 17.26 -24.56
N VAL A 43 -10.69 16.09 -24.93
CA VAL A 43 -11.26 14.82 -24.52
C VAL A 43 -10.25 14.06 -23.68
N TYR A 44 -10.66 13.72 -22.46
CA TYR A 44 -9.82 12.96 -21.54
C TYR A 44 -9.55 11.54 -22.08
N GLU A 45 -8.28 11.14 -22.03
CA GLU A 45 -7.86 9.80 -22.41
C GLU A 45 -7.76 8.97 -21.15
N ASN A 46 -8.68 8.01 -21.01
CA ASN A 46 -8.85 7.28 -19.77
C ASN A 46 -8.03 6.00 -19.74
N PHE A 47 -7.69 5.57 -18.51
CA PHE A 47 -7.08 4.27 -18.26
C PHE A 47 -8.14 3.18 -18.03
N TYR A 48 -8.98 3.38 -17.03
CA TYR A 48 -10.12 2.51 -16.80
C TYR A 48 -11.36 3.40 -16.71
N ALA A 49 -11.85 3.68 -15.51
CA ALA A 49 -13.08 4.45 -15.34
C ALA A 49 -12.81 5.88 -14.92
N ASP A 50 -11.54 6.24 -14.70
CA ASP A 50 -11.16 7.65 -14.57
C ASP A 50 -11.66 8.44 -15.78
N PHE A 51 -12.07 9.69 -15.55
CA PHE A 51 -12.65 10.51 -16.60
C PHE A 51 -12.13 11.94 -16.57
N GLY A 52 -11.14 12.22 -15.74
CA GLY A 52 -10.58 13.54 -15.57
C GLY A 52 -9.77 13.57 -14.29
N PRO A 53 -9.23 14.74 -13.94
CA PRO A 53 -9.32 16.02 -14.66
C PRO A 53 -8.51 16.08 -15.92
N LEU A 54 -8.93 16.94 -16.85
CA LEU A 54 -8.17 17.16 -18.08
C LEU A 54 -6.73 17.61 -17.76
N ASN A 55 -5.81 17.22 -18.64
CA ASN A 55 -4.40 17.43 -18.37
C ASN A 55 -4.00 18.88 -18.66
N LEU A 56 -2.76 19.19 -18.30
CA LEU A 56 -2.30 20.58 -18.32
C LEU A 56 -2.35 21.18 -19.72
N ALA A 57 -2.05 20.39 -20.75
CA ALA A 57 -2.07 20.94 -22.10
C ALA A 57 -3.51 21.26 -22.52
N MET A 58 -4.48 20.49 -22.04
N MET A 58 -4.47 20.46 -22.06
CA MET A 58 -5.86 20.79 -22.39
CA MET A 58 -5.87 20.75 -22.36
C MET A 58 -6.40 21.99 -21.63
C MET A 58 -6.32 22.03 -21.65
N VAL A 59 -5.93 22.20 -20.39
CA VAL A 59 -6.22 23.44 -19.69
C VAL A 59 -5.66 24.62 -20.48
N TYR A 60 -4.42 24.49 -20.93
CA TYR A 60 -3.78 25.55 -21.72
C TYR A 60 -4.56 25.83 -23.00
N ARG A 61 -4.95 24.78 -23.74
CA ARG A 61 -5.69 25.00 -24.98
C ARG A 61 -7.04 25.69 -24.71
N TYR A 62 -7.72 25.32 -23.61
CA TYR A 62 -8.96 26.01 -23.27
C TYR A 62 -8.71 27.49 -23.00
N CYS A 63 -7.69 27.81 -22.19
CA CYS A 63 -7.45 29.21 -21.83
C CYS A 63 -7.08 30.00 -23.08
N CYS A 64 -6.30 29.40 -23.98
N CYS A 64 -6.30 29.39 -23.98
CA CYS A 64 -5.99 30.07 -25.23
CA CYS A 64 -5.97 30.03 -25.25
C CYS A 64 -7.26 30.35 -26.02
C CYS A 64 -7.23 30.32 -26.06
N LYS A 65 -8.07 29.30 -26.22
CA LYS A 65 -9.32 29.45 -26.95
C LYS A 65 -10.18 30.55 -26.36
N LEU A 66 -10.26 30.60 -25.02
CA LEU A 66 -11.20 31.53 -24.40
C LEU A 66 -10.65 32.94 -24.39
N ASN A 67 -9.33 33.09 -24.17
CA ASN A 67 -8.74 34.43 -24.25
C ASN A 67 -8.91 35.03 -25.64
N LYS A 68 -8.76 34.21 -26.68
CA LYS A 68 -8.97 34.69 -28.04
C LYS A 68 -10.40 35.17 -28.23
N LYS A 69 -11.38 34.40 -27.73
CA LYS A 69 -12.77 34.80 -27.85
C LYS A 69 -13.03 36.10 -27.12
N LEU A 70 -12.43 36.27 -25.94
CA LEU A 70 -12.69 37.46 -25.13
C LEU A 70 -12.01 38.70 -25.69
N LYS A 71 -11.01 38.55 -26.55
CA LYS A 71 -10.39 39.72 -27.16
C LYS A 71 -10.93 40.01 -28.56
N SER A 72 -11.73 39.10 -29.11
CA SER A 72 -12.19 39.16 -30.48
C SER A 72 -13.06 40.39 -30.71
N TYR A 73 -12.82 41.08 -31.82
CA TYR A 73 -13.70 42.19 -32.19
C TYR A 73 -15.14 41.71 -32.41
N SER A 74 -15.28 40.61 -33.15
CA SER A 74 -16.59 40.15 -33.55
C SER A 74 -17.44 39.70 -32.37
N LEU A 75 -16.83 39.32 -31.24
CA LEU A 75 -17.57 38.89 -30.07
C LEU A 75 -17.58 39.94 -28.96
N SER A 76 -16.95 41.09 -29.21
CA SER A 76 -16.74 42.10 -28.17
C SER A 76 -18.04 42.64 -27.61
N ARG A 77 -19.14 42.56 -28.36
CA ARG A 77 -20.41 43.11 -27.93
C ARG A 77 -21.33 42.04 -27.34
N LYS A 78 -20.85 40.81 -27.19
CA LYS A 78 -21.69 39.67 -26.86
C LYS A 78 -21.38 39.12 -25.48
N LYS A 79 -22.37 38.42 -24.93
CA LYS A 79 -22.16 37.54 -23.80
C LYS A 79 -21.55 36.25 -24.32
N ILE A 80 -20.47 35.81 -23.69
CA ILE A 80 -19.81 34.57 -24.06
C ILE A 80 -20.22 33.50 -23.07
N VAL A 81 -20.75 32.39 -23.58
CA VAL A 81 -21.27 31.30 -22.77
C VAL A 81 -20.53 30.02 -23.13
N HIS A 82 -19.69 29.56 -22.22
CA HIS A 82 -19.12 28.22 -22.26
C HIS A 82 -20.19 27.26 -21.76
N TYR A 83 -20.68 26.39 -22.63
CA TYR A 83 -21.69 25.42 -22.22
C TYR A 83 -21.12 24.01 -22.28
N THR A 84 -21.69 23.13 -21.47
CA THR A 84 -21.42 21.71 -21.45
C THR A 84 -22.77 21.00 -21.46
N SER A 85 -22.74 19.68 -21.54
CA SER A 85 -23.95 18.88 -21.62
C SER A 85 -24.34 18.35 -20.24
N PHE A 86 -25.38 17.51 -20.18
CA PHE A 86 -25.77 16.83 -18.95
C PHE A 86 -25.02 15.52 -18.70
N ASP A 87 -24.08 15.17 -19.57
CA ASP A 87 -23.05 14.20 -19.20
C ASP A 87 -22.21 14.76 -18.07
N GLN A 88 -22.33 14.17 -16.87
CA GLN A 88 -21.71 14.75 -15.68
C GLN A 88 -20.20 14.62 -15.70
N ARG A 89 -19.64 13.72 -16.48
N ARG A 89 -19.64 13.66 -16.43
CA ARG A 89 -18.19 13.57 -16.52
CA ARG A 89 -18.19 13.56 -16.53
C ARG A 89 -17.56 14.59 -17.47
C ARG A 89 -17.65 14.70 -17.38
N LYS A 90 -18.26 14.93 -18.55
CA LYS A 90 -17.92 16.09 -19.36
C LYS A 90 -18.12 17.38 -18.56
N ARG A 91 -19.22 17.48 -17.83
CA ARG A 91 -19.54 18.70 -17.10
C ARG A 91 -18.53 19.01 -15.99
N ALA A 92 -18.09 17.98 -15.25
CA ALA A 92 -17.06 18.19 -14.25
C ALA A 92 -15.78 18.75 -14.86
N ASN A 93 -15.32 18.16 -15.97
CA ASN A 93 -14.14 18.65 -16.67
C ASN A 93 -14.35 20.06 -17.19
N ALA A 94 -15.52 20.35 -17.78
CA ALA A 94 -15.80 21.70 -18.28
C ALA A 94 -15.80 22.72 -17.14
N ALA A 95 -16.42 22.38 -16.00
CA ALA A 95 -16.40 23.26 -14.83
C ALA A 95 -14.99 23.48 -14.31
N PHE A 96 -14.20 22.39 -14.26
CA PHE A 96 -12.78 22.51 -13.93
C PHE A 96 -12.09 23.52 -14.86
N LEU A 97 -12.35 23.46 -16.16
CA LEU A 97 -11.64 24.35 -17.10
C LEU A 97 -11.95 25.82 -16.85
N ILE A 98 -13.23 26.18 -16.72
CA ILE A 98 -13.56 27.59 -16.56
C ILE A 98 -13.17 28.07 -15.16
N GLY A 99 -13.29 27.20 -14.15
CA GLY A 99 -12.74 27.51 -12.84
C GLY A 99 -11.25 27.77 -12.87
N ALA A 100 -10.50 26.96 -13.63
CA ALA A 100 -9.06 27.17 -13.71
C ALA A 100 -8.72 28.45 -14.45
N TYR A 101 -9.44 28.75 -15.52
CA TYR A 101 -9.32 30.05 -16.18
C TYR A 101 -9.55 31.19 -15.19
N ALA A 102 -10.57 31.04 -14.36
CA ALA A 102 -10.90 32.10 -13.40
C ALA A 102 -9.78 32.30 -12.41
N VAL A 103 -9.14 31.21 -11.98
CA VAL A 103 -8.01 31.30 -11.07
C VAL A 103 -6.82 31.95 -11.78
N ILE A 104 -6.52 31.52 -13.00
CA ILE A 104 -5.26 31.89 -13.64
C ILE A 104 -5.36 33.31 -14.21
N TYR A 105 -6.45 33.61 -14.89
CA TYR A 105 -6.57 34.84 -15.67
C TYR A 105 -7.51 35.87 -15.07
N LEU A 106 -8.49 35.46 -14.28
CA LEU A 106 -9.40 36.40 -13.62
C LEU A 106 -9.04 36.66 -12.18
N LYS A 107 -7.92 36.10 -11.70
CA LYS A 107 -7.43 36.35 -10.35
C LYS A 107 -8.45 36.05 -9.25
N LYS A 108 -9.34 35.07 -9.48
CA LYS A 108 -10.23 34.60 -8.43
C LYS A 108 -9.55 33.52 -7.61
N THR A 109 -9.96 33.36 -6.38
CA THR A 109 -9.47 32.26 -5.59
C THR A 109 -10.25 30.99 -5.98
N PRO A 110 -9.70 29.81 -5.69
CA PRO A 110 -10.46 28.59 -5.96
C PRO A 110 -11.83 28.60 -5.33
N GLU A 111 -11.96 29.14 -4.11
CA GLU A 111 -13.24 29.24 -3.43
C GLU A 111 -14.20 30.16 -4.17
N GLU A 112 -13.70 31.29 -4.65
CA GLU A 112 -14.56 32.21 -5.42
C GLU A 112 -15.00 31.56 -6.72
N ALA A 113 -14.07 30.90 -7.42
CA ALA A 113 -14.43 30.21 -8.66
C ALA A 113 -15.46 29.12 -8.41
N TYR A 114 -15.27 28.34 -7.33
CA TYR A 114 -16.19 27.25 -7.04
C TYR A 114 -17.55 27.80 -6.60
N ARG A 115 -17.54 28.93 -5.89
CA ARG A 115 -18.81 29.57 -5.53
C ARG A 115 -19.57 29.96 -6.80
N ALA A 116 -18.86 30.51 -7.79
CA ALA A 116 -19.50 30.83 -9.06
C ALA A 116 -20.05 29.57 -9.73
N LEU A 117 -19.31 28.47 -9.69
CA LEU A 117 -19.80 27.23 -10.28
C LEU A 117 -21.05 26.70 -9.58
N LEU A 118 -21.26 27.05 -8.32
CA LEU A 118 -22.49 26.72 -7.63
C LEU A 118 -23.55 27.83 -7.73
N SER A 119 -23.28 28.91 -8.47
CA SER A 119 -24.16 30.08 -8.53
C SER A 119 -25.62 29.69 -8.77
N GLY A 120 -25.88 28.98 -9.85
CA GLY A 120 -27.25 28.67 -10.20
C GLY A 120 -27.93 27.78 -9.18
N SER A 121 -28.88 26.99 -9.64
CA SER A 121 -29.50 25.94 -8.85
C SER A 121 -29.07 24.58 -9.39
N ASN A 122 -27.77 24.45 -9.72
CA ASN A 122 -27.37 23.31 -10.52
C ASN A 122 -26.98 22.14 -9.62
N PRO A 123 -27.10 20.92 -10.13
CA PRO A 123 -26.66 19.76 -9.37
C PRO A 123 -25.19 19.82 -9.04
N PRO A 124 -24.75 19.04 -8.06
CA PRO A 124 -23.34 19.00 -7.72
C PRO A 124 -22.53 18.41 -8.87
N TYR A 125 -21.26 18.74 -8.86
CA TYR A 125 -20.31 18.22 -9.82
C TYR A 125 -19.78 16.88 -9.35
N LEU A 126 -19.73 15.96 -10.25
CA LEU A 126 -19.24 14.62 -9.94
C LEU A 126 -17.76 14.68 -9.59
N PRO A 127 -17.35 14.11 -8.45
CA PRO A 127 -15.92 13.97 -8.14
C PRO A 127 -15.18 13.07 -9.11
N PHE A 128 -13.90 13.37 -9.30
CA PHE A 128 -13.02 12.53 -10.11
C PHE A 128 -12.56 11.32 -9.30
N ARG A 129 -12.44 10.19 -9.99
CA ARG A 129 -11.98 8.92 -9.44
C ARG A 129 -10.64 8.53 -10.03
N ASP A 130 -10.02 7.57 -9.36
CA ASP A 130 -8.68 7.16 -9.75
C ASP A 130 -8.80 6.17 -10.88
N ALA A 131 -7.66 5.65 -11.33
CA ALA A 131 -7.59 4.73 -12.46
C ALA A 131 -7.76 3.26 -12.05
N SER A 132 -8.22 2.98 -10.84
CA SER A 132 -8.29 1.61 -10.33
C SER A 132 -9.62 0.95 -10.72
N PHE A 133 -9.73 -0.35 -10.45
CA PHE A 133 -10.91 -1.12 -10.85
C PHE A 133 -12.02 -1.05 -9.82
N GLY A 134 -11.75 -0.53 -8.63
CA GLY A 134 -12.74 -0.39 -7.59
C GLY A 134 -13.36 0.99 -7.60
N ASN A 135 -14.17 1.24 -6.57
CA ASN A 135 -14.86 2.52 -6.43
C ASN A 135 -14.75 2.95 -4.96
N CYS A 136 -15.50 4.00 -4.60
CA CYS A 136 -15.43 4.58 -3.27
C CYS A 136 -14.06 5.23 -3.06
N THR A 137 -13.40 4.87 -1.96
CA THR A 137 -12.05 5.33 -1.63
C THR A 137 -11.97 6.86 -1.59
N TYR A 138 -11.31 7.45 -2.58
CA TYR A 138 -10.82 8.82 -2.49
C TYR A 138 -11.45 9.64 -3.62
N ASN A 139 -12.25 10.64 -3.26
CA ASN A 139 -12.97 11.49 -4.22
C ASN A 139 -12.25 12.82 -4.37
N LEU A 140 -11.79 13.09 -5.60
CA LEU A 140 -11.05 14.31 -5.93
C LEU A 140 -12.03 15.25 -6.61
N THR A 141 -12.41 16.30 -5.90
CA THR A 141 -13.46 17.20 -6.36
C THR A 141 -12.89 18.27 -7.31
N VAL A 142 -13.82 18.95 -8.00
CA VAL A 142 -13.43 20.08 -8.84
C VAL A 142 -12.71 21.14 -8.01
N LEU A 143 -13.21 21.42 -6.81
CA LEU A 143 -12.56 22.39 -5.94
C LEU A 143 -11.14 21.97 -5.62
N ASP A 144 -10.94 20.67 -5.32
CA ASP A 144 -9.59 20.17 -5.07
C ASP A 144 -8.67 20.48 -6.25
N CYS A 145 -9.17 20.26 -7.47
CA CYS A 145 -8.40 20.49 -8.68
C CYS A 145 -8.10 21.96 -8.88
N LEU A 146 -9.03 22.85 -8.52
CA LEU A 146 -8.76 24.27 -8.58
C LEU A 146 -7.73 24.69 -7.53
N GLN A 147 -7.75 24.08 -6.34
CA GLN A 147 -6.72 24.31 -5.34
C GLN A 147 -5.37 23.84 -5.83
N GLY A 148 -5.34 22.70 -6.54
CA GLY A 148 -4.08 22.22 -7.06
C GLY A 148 -3.52 23.12 -8.14
N ILE A 149 -4.39 23.67 -8.99
CA ILE A 149 -3.98 24.67 -9.97
C ILE A 149 -3.40 25.90 -9.29
N ARG A 150 -4.09 26.40 -8.25
CA ARG A 150 -3.60 27.60 -7.59
C ARG A 150 -2.23 27.37 -6.98
N LYS A 151 -2.05 26.24 -6.29
CA LYS A 151 -0.76 25.92 -5.69
C LYS A 151 0.33 25.75 -6.75
N GLY A 152 0.04 25.05 -7.85
CA GLY A 152 1.01 24.93 -8.89
C GLY A 152 1.47 26.28 -9.42
N LEU A 153 0.51 27.20 -9.59
CA LEU A 153 0.83 28.53 -10.08
C LEU A 153 1.63 29.30 -9.04
N GLN A 154 1.21 29.22 -7.77
CA GLN A 154 1.89 29.90 -6.68
C GLN A 154 3.37 29.57 -6.65
N HIS A 155 3.73 28.31 -6.85
CA HIS A 155 5.12 27.87 -6.75
C HIS A 155 5.81 27.77 -8.10
N GLY A 156 5.20 28.34 -9.13
CA GLY A 156 5.82 28.42 -10.44
C GLY A 156 6.02 27.08 -11.12
N PHE A 157 5.11 26.12 -10.87
CA PHE A 157 5.20 24.83 -11.54
C PHE A 157 4.70 24.89 -12.98
N PHE A 158 4.02 25.96 -13.37
CA PHE A 158 3.72 26.19 -14.77
C PHE A 158 3.57 27.69 -14.98
N ASP A 159 3.72 28.08 -16.24
CA ASP A 159 3.58 29.48 -16.66
C ASP A 159 3.04 29.47 -18.08
N PHE A 160 1.79 29.89 -18.26
CA PHE A 160 1.21 29.75 -19.59
C PHE A 160 1.78 30.76 -20.59
N GLU A 161 2.59 31.72 -20.14
CA GLU A 161 3.34 32.58 -21.07
C GLU A 161 4.43 31.79 -21.80
N THR A 162 5.00 30.78 -21.16
CA THR A 162 6.08 30.00 -21.75
C THR A 162 5.75 28.54 -22.01
N PHE A 163 4.61 28.05 -21.53
CA PHE A 163 4.24 26.64 -21.70
C PHE A 163 4.27 26.23 -23.16
N ASP A 164 4.91 25.08 -23.42
CA ASP A 164 5.11 24.56 -24.76
C ASP A 164 4.22 23.33 -24.93
N ALA A 165 3.01 23.55 -25.43
CA ALA A 165 2.03 22.47 -25.54
C ALA A 165 2.49 21.41 -26.51
N GLU A 166 3.15 21.81 -27.59
CA GLU A 166 3.62 20.84 -28.56
C GLU A 166 4.61 19.88 -27.92
N GLU A 167 5.53 20.40 -27.10
CA GLU A 167 6.49 19.53 -26.42
C GLU A 167 5.78 18.60 -25.45
N TYR A 168 4.84 19.13 -24.66
CA TYR A 168 4.08 18.31 -23.71
C TYR A 168 3.39 17.17 -24.45
N GLU A 169 2.66 17.51 -25.52
CA GLU A 169 1.87 16.56 -26.27
C GLU A 169 2.74 15.61 -27.07
N HIS A 170 3.99 16.00 -27.37
CA HIS A 170 4.92 15.09 -28.02
C HIS A 170 5.43 14.05 -27.04
N TYR A 171 6.02 14.48 -25.94
CA TYR A 171 6.69 13.52 -25.06
C TYR A 171 5.74 12.72 -24.17
N GLU A 172 4.48 13.14 -24.02
CA GLU A 172 3.53 12.31 -23.29
C GLU A 172 3.22 11.02 -24.04
N ARG A 173 3.54 10.95 -25.33
CA ARG A 173 3.19 9.76 -26.10
C ARG A 173 4.23 8.67 -25.90
N VAL A 174 3.73 7.43 -25.87
CA VAL A 174 4.58 6.27 -25.69
C VAL A 174 5.63 6.18 -26.79
N GLU A 175 5.27 6.56 -28.02
CA GLU A 175 6.25 6.47 -29.10
C GLU A 175 7.40 7.44 -28.91
N ASN A 176 7.22 8.48 -28.11
CA ASN A 176 8.27 9.44 -27.84
C ASN A 176 8.81 9.36 -26.41
N GLY A 177 8.43 8.34 -25.64
CA GLY A 177 9.06 8.07 -24.36
C GLY A 177 8.17 8.23 -23.13
N ASP A 178 6.91 8.60 -23.32
CA ASP A 178 5.92 8.69 -22.26
C ASP A 178 6.43 9.31 -20.97
N PHE A 179 6.75 10.61 -20.99
CA PHE A 179 7.12 11.30 -19.78
C PHE A 179 6.42 12.66 -19.71
N ASN A 180 6.34 13.16 -18.48
CA ASN A 180 5.81 14.49 -18.20
C ASN A 180 6.63 15.08 -17.07
N TRP A 181 6.93 16.36 -17.20
CA TRP A 181 7.45 17.11 -16.07
C TRP A 181 6.37 17.32 -15.02
N ILE A 182 6.74 17.11 -13.76
CA ILE A 182 5.86 17.36 -12.63
C ILE A 182 6.24 18.64 -11.90
N VAL A 183 7.54 18.85 -11.70
CA VAL A 183 8.05 20.08 -11.12
C VAL A 183 9.16 20.58 -12.05
N PRO A 184 8.99 21.73 -12.70
CA PRO A 184 10.01 22.19 -13.66
C PRO A 184 11.40 22.18 -13.02
N GLY A 185 12.35 21.65 -13.75
CA GLY A 185 13.72 21.57 -13.31
C GLY A 185 13.97 20.62 -12.16
N LYS A 186 12.97 19.90 -11.70
CA LYS A 186 13.21 19.04 -10.55
C LYS A 186 12.68 17.62 -10.72
N PHE A 187 11.50 17.43 -11.33
CA PHE A 187 10.93 16.10 -11.38
C PHE A 187 10.33 15.80 -12.74
N LEU A 188 10.79 14.72 -13.34
CA LEU A 188 10.23 14.16 -14.55
C LEU A 188 9.78 12.73 -14.25
N ALA A 189 8.57 12.40 -14.67
CA ALA A 189 7.98 11.10 -14.41
C ALA A 189 7.83 10.35 -15.71
N PHE A 190 8.27 9.10 -15.73
CA PHE A 190 8.21 8.36 -16.98
C PHE A 190 8.01 6.87 -16.70
N SER A 191 7.58 6.16 -17.75
CA SER A 191 7.47 4.71 -17.68
C SER A 191 8.82 4.05 -17.93
N GLY A 192 9.01 2.89 -17.29
CA GLY A 192 10.33 2.31 -17.17
C GLY A 192 10.91 1.85 -18.50
N PRO A 193 12.18 2.18 -18.76
CA PRO A 193 12.82 1.73 -19.99
C PRO A 193 12.90 0.21 -20.06
N HIS A 194 13.05 -0.28 -21.28
CA HIS A 194 13.24 -1.69 -21.57
C HIS A 194 14.69 -1.97 -21.99
N PRO A 195 15.08 -3.25 -22.03
CA PRO A 195 16.50 -3.55 -22.30
C PRO A 195 16.93 -3.22 -23.72
N LYS A 196 16.00 -3.13 -24.67
CA LYS A 196 16.33 -2.86 -26.06
C LYS A 196 15.21 -2.03 -26.69
N SER A 197 15.58 -0.88 -27.29
CA SER A 197 14.61 -0.11 -28.06
C SER A 197 14.09 -0.95 -29.20
N LYS A 198 12.77 -1.10 -29.27
CA LYS A 198 12.18 -1.91 -30.34
C LYS A 198 10.69 -1.71 -30.35
N ILE A 199 10.05 -2.28 -31.37
CA ILE A 199 8.61 -2.41 -31.45
C ILE A 199 8.27 -3.85 -31.11
N GLU A 200 7.22 -4.05 -30.32
CA GLU A 200 6.81 -5.38 -29.89
C GLU A 200 5.28 -5.43 -29.90
N ASN A 201 4.72 -6.11 -30.89
CA ASN A 201 3.27 -6.17 -31.09
C ASN A 201 2.71 -4.78 -31.35
N GLY A 202 3.48 -3.97 -32.07
CA GLY A 202 3.09 -2.60 -32.35
C GLY A 202 3.29 -1.63 -31.21
N TYR A 203 3.71 -2.10 -30.03
CA TYR A 203 3.95 -1.23 -28.89
C TYR A 203 5.42 -0.81 -28.88
N PRO A 204 5.72 0.49 -28.87
CA PRO A 204 7.13 0.91 -28.91
C PRO A 204 7.79 0.83 -27.54
N LEU A 205 9.00 0.29 -27.53
CA LEU A 205 9.81 0.14 -26.33
C LEU A 205 11.07 0.99 -26.46
N HIS A 206 11.44 1.64 -25.38
CA HIS A 206 12.58 2.55 -25.35
C HIS A 206 13.62 2.04 -24.38
N ALA A 207 14.85 1.88 -24.87
CA ALA A 207 15.98 1.54 -24.04
C ALA A 207 16.45 2.79 -23.30
N PRO A 208 17.21 2.61 -22.21
CA PRO A 208 17.64 3.79 -21.44
C PRO A 208 18.33 4.84 -22.29
N GLU A 209 19.05 4.41 -23.33
CA GLU A 209 19.86 5.34 -24.10
C GLU A 209 19.01 6.33 -24.90
N ALA A 210 17.80 5.94 -25.28
CA ALA A 210 16.92 6.87 -25.97
C ALA A 210 16.69 8.16 -25.18
N TYR A 211 16.79 8.09 -23.86
CA TYR A 211 16.52 9.26 -23.02
C TYR A 211 17.73 10.15 -22.78
N PHE A 212 18.95 9.68 -23.07
CA PHE A 212 20.14 10.45 -22.70
C PHE A 212 20.11 11.86 -23.27
N PRO A 213 19.85 12.07 -24.57
CA PRO A 213 19.90 13.43 -25.11
C PRO A 213 18.98 14.39 -24.37
N TYR A 214 17.70 14.05 -24.22
CA TYR A 214 16.79 14.95 -23.50
C TYR A 214 17.23 15.12 -22.06
N PHE A 215 17.58 14.02 -21.39
CA PHE A 215 17.97 14.13 -19.98
C PHE A 215 19.20 15.04 -19.82
N LYS A 216 20.24 14.84 -20.64
CA LYS A 216 21.42 15.69 -20.54
C LYS A 216 21.08 17.15 -20.77
N LYS A 217 20.35 17.43 -21.86
CA LYS A 217 20.00 18.79 -22.22
C LYS A 217 19.18 19.50 -21.15
N ASN A 218 18.40 18.75 -20.37
CA ASN A 218 17.50 19.35 -19.38
C ASN A 218 17.95 19.08 -17.94
N ASN A 219 19.23 18.74 -17.74
CA ASN A 219 19.86 18.71 -16.43
C ASN A 219 19.28 17.61 -15.54
N VAL A 220 18.94 16.46 -16.14
CA VAL A 220 18.56 15.28 -15.37
C VAL A 220 19.84 14.60 -14.89
N THR A 221 20.09 14.67 -13.59
CA THR A 221 21.28 14.07 -13.02
C THR A 221 21.06 12.66 -12.51
N THR A 222 19.81 12.31 -12.18
CA THR A 222 19.52 11.14 -11.37
C THR A 222 18.28 10.43 -11.88
N ILE A 223 18.38 9.11 -11.93
CA ILE A 223 17.27 8.21 -12.23
C ILE A 223 16.92 7.50 -10.93
N VAL A 224 15.63 7.44 -10.61
CA VAL A 224 15.16 6.61 -9.50
C VAL A 224 14.18 5.59 -10.07
N ARG A 225 14.47 4.31 -9.85
CA ARG A 225 13.64 3.21 -10.32
C ARG A 225 12.89 2.58 -9.15
N LEU A 226 11.57 2.42 -9.33
CA LEU A 226 10.70 1.97 -8.25
C LEU A 226 10.09 0.60 -8.52
N ASN A 227 10.42 -0.02 -9.65
CA ASN A 227 9.74 -1.24 -10.06
C ASN A 227 10.78 -2.31 -10.38
N LYS A 228 10.30 -3.48 -10.83
CA LYS A 228 11.21 -4.60 -11.05
C LYS A 228 12.27 -4.25 -12.08
N LYS A 229 13.46 -4.80 -11.87
CA LYS A 229 14.59 -4.56 -12.77
C LYS A 229 14.44 -5.37 -14.04
N ILE A 230 14.40 -4.69 -15.20
CA ILE A 230 14.49 -5.32 -16.50
C ILE A 230 15.59 -4.73 -17.36
N TYR A 231 16.38 -3.78 -16.84
CA TYR A 231 17.55 -3.26 -17.52
C TYR A 231 18.65 -3.07 -16.47
N GLU A 232 19.89 -3.14 -16.93
CA GLU A 232 21.02 -2.94 -16.03
C GLU A 232 21.16 -1.47 -15.68
N ALA A 233 21.21 -1.18 -14.39
CA ALA A 233 21.37 0.20 -13.95
C ALA A 233 22.64 0.84 -14.53
N LYS A 234 23.67 0.05 -14.79
CA LYS A 234 24.93 0.63 -15.23
C LYS A 234 24.80 1.32 -16.59
N ARG A 235 23.81 0.94 -17.40
CA ARG A 235 23.61 1.65 -18.67
C ARG A 235 23.36 3.14 -18.44
N PHE A 236 22.76 3.50 -17.30
CA PHE A 236 22.61 4.90 -16.96
C PHE A 236 23.89 5.46 -16.35
N THR A 237 24.46 4.73 -15.38
CA THR A 237 25.58 5.28 -14.63
C THR A 237 26.82 5.39 -15.50
N ASP A 238 27.00 4.47 -16.45
CA ASP A 238 28.06 4.63 -17.45
C ASP A 238 27.92 5.94 -18.21
N ALA A 239 26.70 6.30 -18.58
CA ALA A 239 26.46 7.54 -19.33
C ALA A 239 26.57 8.79 -18.46
N GLY A 240 26.95 8.66 -17.19
CA GLY A 240 27.12 9.80 -16.33
C GLY A 240 25.97 10.12 -15.40
N PHE A 241 24.90 9.34 -15.41
CA PHE A 241 23.80 9.59 -14.49
C PHE A 241 24.00 8.80 -13.19
N GLU A 242 23.57 9.38 -12.08
CA GLU A 242 23.36 8.56 -10.89
C GLU A 242 22.09 7.72 -11.07
N HIS A 243 22.05 6.58 -10.41
CA HIS A 243 20.92 5.69 -10.51
C HIS A 243 20.66 5.04 -9.16
N TYR A 244 19.38 5.00 -8.77
CA TYR A 244 18.97 4.47 -7.48
C TYR A 244 17.77 3.56 -7.65
N ASP A 245 17.76 2.49 -6.88
CA ASP A 245 16.65 1.54 -6.83
C ASP A 245 15.96 1.67 -5.50
N LEU A 246 14.64 1.83 -5.54
CA LEU A 246 13.82 1.89 -4.36
C LEU A 246 12.54 1.10 -4.63
N PHE A 247 12.69 -0.20 -4.85
CA PHE A 247 11.56 -1.02 -5.28
C PHE A 247 10.45 -1.06 -4.23
N PHE A 248 9.22 -0.90 -4.68
CA PHE A 248 8.07 -1.39 -3.93
C PHE A 248 6.99 -1.85 -4.89
N ILE A 249 6.06 -2.65 -4.34
CA ILE A 249 5.18 -3.44 -5.18
C ILE A 249 4.14 -2.54 -5.83
N ASP A 250 3.91 -2.80 -7.11
CA ASP A 250 2.81 -2.21 -7.86
C ASP A 250 1.53 -2.11 -7.03
N GLY A 251 0.99 -0.90 -6.98
CA GLY A 251 -0.27 -0.67 -6.28
C GLY A 251 -0.19 -0.64 -4.78
N SER A 252 1.02 -0.62 -4.19
CA SER A 252 1.19 -0.61 -2.76
C SER A 252 1.69 0.78 -2.32
N THR A 253 1.85 0.93 -1.02
CA THR A 253 2.35 2.17 -0.46
C THR A 253 3.78 1.97 0.04
N PRO A 254 4.63 2.98 -0.09
CA PRO A 254 6.04 2.81 0.24
C PRO A 254 6.27 2.78 1.74
N SER A 255 7.21 1.94 2.16
CA SER A 255 7.66 1.92 3.54
C SER A 255 8.24 3.26 3.96
N ASP A 256 8.26 3.52 5.26
CA ASP A 256 8.93 4.73 5.76
C ASP A 256 10.37 4.81 5.26
N ASN A 257 11.09 3.68 5.27
CA ASN A 257 12.48 3.70 4.84
C ASN A 257 12.60 4.15 3.39
N ILE A 258 11.75 3.63 2.51
CA ILE A 258 11.78 4.05 1.12
C ILE A 258 11.48 5.54 0.98
N VAL A 259 10.50 6.05 1.72
CA VAL A 259 10.19 7.48 1.63
C VAL A 259 11.39 8.30 2.10
N ARG A 260 11.98 7.91 3.24
CA ARG A 260 13.16 8.60 3.78
C ARG A 260 14.28 8.61 2.76
N ARG A 261 14.52 7.47 2.12
CA ARG A 261 15.62 7.36 1.19
C ARG A 261 15.36 8.20 -0.05
N PHE A 262 14.13 8.19 -0.56
CA PHE A 262 13.79 9.01 -1.71
C PHE A 262 13.99 10.49 -1.43
N LEU A 263 13.55 10.94 -0.27
CA LEU A 263 13.69 12.35 0.07
C LEU A 263 15.16 12.76 0.17
N ASN A 264 16.01 11.90 0.75
CA ASN A 264 17.44 12.22 0.85
C ASN A 264 18.11 12.24 -0.51
N ILE A 265 17.81 11.25 -1.36
CA ILE A 265 18.31 11.28 -2.74
C ILE A 265 17.97 12.60 -3.41
N CYS A 266 16.68 12.99 -3.37
CA CYS A 266 16.25 14.16 -4.11
C CYS A 266 16.77 15.45 -3.50
N GLU A 267 16.91 15.50 -2.18
CA GLU A 267 17.41 16.70 -1.52
C GLU A 267 18.91 16.89 -1.71
N ASN A 268 19.63 15.85 -2.14
CA ASN A 268 21.08 15.93 -2.28
C ASN A 268 21.53 15.94 -3.73
N THR A 269 20.65 16.37 -4.63
CA THR A 269 21.10 16.76 -5.97
C THR A 269 20.44 18.07 -6.30
N GLU A 270 21.19 18.92 -7.00
CA GLU A 270 20.69 20.22 -7.40
C GLU A 270 19.94 20.16 -8.73
N GLY A 271 20.16 19.08 -9.50
CA GLY A 271 19.52 18.90 -10.78
C GLY A 271 18.19 18.18 -10.68
N ALA A 272 17.69 17.78 -11.85
CA ALA A 272 16.39 17.15 -11.98
C ALA A 272 16.53 15.64 -11.85
N ILE A 273 15.44 15.01 -11.41
CA ILE A 273 15.38 13.57 -11.17
C ILE A 273 14.31 12.97 -12.05
N ALA A 274 14.67 11.95 -12.82
CA ALA A 274 13.74 11.20 -13.63
C ALA A 274 13.32 9.97 -12.83
N VAL A 275 12.05 9.92 -12.46
CA VAL A 275 11.50 8.86 -11.61
C VAL A 275 10.62 7.97 -12.49
N HIS A 276 10.87 6.64 -12.46
CA HIS A 276 10.02 5.71 -13.17
C HIS A 276 9.62 4.52 -12.31
N SER A 277 8.49 3.96 -12.71
CA SER A 277 8.04 2.65 -12.24
C SER A 277 7.66 1.91 -13.52
N LYS A 278 6.69 1.01 -13.48
CA LYS A 278 6.31 0.33 -14.73
C LYS A 278 5.57 1.30 -15.65
N ALA A 279 4.40 1.78 -15.22
CA ALA A 279 3.70 2.82 -15.96
C ALA A 279 4.16 4.23 -15.61
N GLY A 280 4.91 4.40 -14.52
CA GLY A 280 5.28 5.73 -14.09
C GLY A 280 4.12 6.52 -13.56
N LEU A 281 3.10 5.84 -13.03
CA LEU A 281 1.88 6.49 -12.54
C LEU A 281 1.72 6.41 -11.03
N GLY A 282 1.39 5.23 -10.50
CA GLY A 282 1.09 5.08 -9.10
C GLY A 282 2.31 5.29 -8.21
N ARG A 283 3.30 4.42 -8.30
CA ARG A 283 4.45 4.51 -7.40
C ARG A 283 5.24 5.79 -7.61
N THR A 284 5.49 6.16 -8.87
CA THR A 284 6.17 7.41 -9.19
C THR A 284 5.44 8.63 -8.61
N GLY A 285 4.16 8.77 -8.93
CA GLY A 285 3.39 9.90 -8.42
C GLY A 285 3.37 9.97 -6.91
N THR A 286 3.32 8.82 -6.25
CA THR A 286 3.20 8.82 -4.79
C THR A 286 4.47 9.38 -4.16
N LEU A 287 5.63 8.99 -4.65
CA LEU A 287 6.86 9.46 -3.99
C LEU A 287 7.14 10.90 -4.36
N ILE A 288 6.86 11.32 -5.59
CA ILE A 288 7.01 12.73 -5.94
C ILE A 288 6.10 13.58 -5.06
N ALA A 289 4.87 13.11 -4.82
CA ALA A 289 3.96 13.85 -3.97
C ALA A 289 4.54 14.05 -2.57
N CYS A 290 5.21 13.02 -2.02
CA CYS A 290 5.80 13.13 -0.70
C CYS A 290 6.80 14.27 -0.64
N TYR A 291 7.66 14.37 -1.67
CA TYR A 291 8.63 15.46 -1.73
C TYR A 291 7.93 16.80 -1.81
N VAL A 292 6.94 16.91 -2.70
CA VAL A 292 6.26 18.18 -2.89
C VAL A 292 5.48 18.58 -1.64
N MET A 293 4.86 17.63 -0.95
CA MET A 293 4.15 18.02 0.27
C MET A 293 5.14 18.55 1.31
N LYS A 294 6.29 17.89 1.45
CA LYS A 294 7.26 18.30 2.46
C LYS A 294 7.84 19.69 2.15
N HIS A 295 8.23 19.92 0.90
CA HIS A 295 9.03 21.09 0.53
C HIS A 295 8.22 22.28 0.04
N TYR A 296 6.97 22.08 -0.37
CA TYR A 296 6.10 23.17 -0.80
C TYR A 296 4.79 23.22 -0.01
N ARG A 297 4.57 22.30 0.92
CA ARG A 297 3.40 22.33 1.78
C ARG A 297 2.09 22.28 0.99
N PHE A 298 2.05 21.52 -0.12
CA PHE A 298 0.78 21.12 -0.69
C PHE A 298 0.04 20.22 0.31
N THR A 299 -1.29 20.31 0.30
CA THR A 299 -2.12 19.25 0.91
C THR A 299 -2.16 18.01 0.00
N HIS A 300 -2.63 16.89 0.57
CA HIS A 300 -2.75 15.68 -0.23
C HIS A 300 -3.67 15.89 -1.43
N ALA A 301 -4.81 16.57 -1.25
CA ALA A 301 -5.71 16.75 -2.38
C ALA A 301 -5.08 17.66 -3.44
N GLU A 302 -4.41 18.74 -2.99
CA GLU A 302 -3.74 19.64 -3.93
C GLU A 302 -2.71 18.91 -4.76
N ILE A 303 -1.90 18.04 -4.13
CA ILE A 303 -0.83 17.43 -4.88
C ILE A 303 -1.33 16.30 -5.77
N ILE A 304 -2.34 15.55 -5.33
CA ILE A 304 -2.92 14.53 -6.21
C ILE A 304 -3.50 15.19 -7.43
N ALA A 305 -4.23 16.29 -7.25
CA ALA A 305 -4.74 17.07 -8.37
C ALA A 305 -3.61 17.54 -9.29
N TRP A 306 -2.58 18.18 -8.75
CA TRP A 306 -1.52 18.74 -9.58
C TRP A 306 -0.79 17.65 -10.37
N ILE A 307 -0.43 16.54 -9.71
CA ILE A 307 0.30 15.49 -10.40
C ILE A 307 -0.59 14.86 -11.47
N ARG A 308 -1.89 14.69 -11.21
CA ARG A 308 -2.75 14.11 -12.24
C ARG A 308 -2.99 15.08 -13.40
N ILE A 309 -3.02 16.40 -13.13
CA ILE A 309 -3.12 17.36 -14.20
C ILE A 309 -1.90 17.26 -15.13
N CYS A 310 -0.71 17.05 -14.55
CA CYS A 310 0.51 16.88 -15.35
C CYS A 310 0.56 15.52 -16.04
N ARG A 311 0.11 14.47 -15.35
CA ARG A 311 0.34 13.09 -15.78
C ARG A 311 -0.87 12.26 -15.35
N PRO A 312 -1.91 12.23 -16.18
CA PRO A 312 -3.15 11.52 -15.81
C PRO A 312 -2.91 10.08 -15.39
N GLY A 313 -3.73 9.63 -14.46
CA GLY A 313 -3.71 8.28 -13.92
C GLY A 313 -2.73 8.11 -12.78
N SER A 314 -1.98 9.15 -12.43
CA SER A 314 -1.02 9.04 -11.33
C SER A 314 -1.71 8.92 -9.98
N ILE A 315 -1.10 8.10 -9.10
CA ILE A 315 -1.44 7.91 -7.69
C ILE A 315 -2.75 7.13 -7.61
N ILE A 316 -2.67 5.84 -7.24
CA ILE A 316 -3.78 4.91 -7.41
C ILE A 316 -4.11 4.20 -6.11
N GLY A 317 -5.40 3.93 -5.93
CA GLY A 317 -5.84 3.09 -4.83
C GLY A 317 -5.37 3.56 -3.47
N PRO A 318 -4.73 2.67 -2.70
CA PRO A 318 -4.33 3.02 -1.33
C PRO A 318 -3.29 4.11 -1.27
N GLN A 319 -2.65 4.44 -2.38
CA GLN A 319 -1.67 5.50 -2.38
C GLN A 319 -2.30 6.86 -2.09
N GLN A 320 -3.58 7.03 -2.43
CA GLN A 320 -4.25 8.32 -2.21
C GLN A 320 -4.43 8.58 -0.71
N HIS A 321 -5.02 7.62 0.02
N HIS A 321 -5.01 7.60 0.00
CA HIS A 321 -5.18 7.86 1.45
CA HIS A 321 -5.20 7.74 1.43
C HIS A 321 -3.83 7.84 2.16
C HIS A 321 -3.86 7.79 2.17
N PHE A 322 -2.85 7.12 1.61
CA PHE A 322 -1.50 7.18 2.18
C PHE A 322 -0.99 8.62 2.27
N LEU A 323 -1.18 9.40 1.19
CA LEU A 323 -0.70 10.78 1.19
C LEU A 323 -1.46 11.60 2.22
N LYS A 324 -2.75 11.33 2.40
CA LYS A 324 -3.52 12.04 3.42
C LYS A 324 -3.01 11.68 4.81
N GLU A 325 -2.67 10.40 5.03
CA GLU A 325 -2.20 9.97 6.35
C GLU A 325 -0.81 10.52 6.66
N LYS A 326 0.02 10.70 5.64
CA LYS A 326 1.39 11.15 5.84
C LYS A 326 1.55 12.67 5.81
N GLN A 327 0.51 13.43 5.46
CA GLN A 327 0.65 14.87 5.27
C GLN A 327 1.24 15.56 6.49
N ALA A 328 0.66 15.32 7.67
CA ALA A 328 1.08 16.06 8.87
C ALA A 328 2.56 15.86 9.14
N SER A 329 3.03 14.61 9.07
CA SER A 329 4.43 14.35 9.33
C SER A 329 5.32 14.93 8.23
N LEU A 330 4.87 14.89 6.96
CA LEU A 330 5.72 15.46 5.91
C LEU A 330 5.83 16.97 6.06
N TRP A 331 4.75 17.60 6.51
CA TRP A 331 4.79 19.04 6.72
C TRP A 331 5.75 19.40 7.85
N VAL A 332 5.72 18.65 8.96
CA VAL A 332 6.69 18.85 10.03
C VAL A 332 8.11 18.66 9.53
N GLN A 333 8.39 17.53 8.88
CA GLN A 333 9.73 17.32 8.33
C GLN A 333 10.14 18.52 7.47
N GLY A 334 9.22 19.05 6.67
CA GLY A 334 9.56 20.19 5.84
C GLY A 334 9.91 21.42 6.65
N ASP A 335 9.14 21.71 7.69
CA ASP A 335 9.45 22.85 8.56
C ASP A 335 10.81 22.68 9.23
N ILE A 336 11.08 21.48 9.76
CA ILE A 336 12.39 21.22 10.36
C ILE A 336 13.49 21.39 9.32
N PHE A 337 13.28 20.84 8.13
CA PHE A 337 14.24 21.02 7.04
C PHE A 337 14.53 22.50 6.79
N ARG A 338 13.48 23.30 6.65
CA ARG A 338 13.67 24.70 6.28
C ARG A 338 14.21 25.53 7.44
N SER A 339 14.11 25.03 8.67
CA SER A 339 14.68 25.74 9.81
C SER A 339 16.19 25.55 9.90
N LYS A 340 16.70 24.35 9.61
CA LYS A 340 18.14 24.16 9.55
C LYS A 340 18.79 24.92 8.37
N LEU A 341 18.04 25.73 7.62
CA LEU A 341 18.57 26.46 6.48
C LEU A 341 18.71 27.96 6.74
N LYS A 342 18.35 28.46 7.92
CA LYS A 342 18.62 29.85 8.24
C LYS A 342 20.06 30.21 7.90
N ASN A 343 21.00 29.35 8.30
CA ASN A 343 22.33 29.29 7.71
C ASN A 343 22.54 27.89 7.15
N ARG A 344 22.86 27.81 5.86
CA ARG A 344 23.06 26.53 5.17
C ARG A 344 24.05 25.65 5.92
N GLU B 6 26.48 3.09 32.29
CA GLU B 6 26.30 1.67 31.98
C GLU B 6 25.05 1.46 31.10
N LEU B 7 24.72 0.19 30.83
CA LEU B 7 23.73 -0.17 29.82
C LEU B 7 24.15 0.34 28.45
N ILE B 8 25.46 0.45 28.23
CA ILE B 8 25.97 0.99 26.98
C ILE B 8 25.47 0.11 25.85
N GLY B 9 24.85 0.74 24.86
CA GLY B 9 24.33 0.03 23.71
C GLY B 9 22.98 -0.62 23.92
N ALA B 10 22.36 -0.44 25.08
CA ALA B 10 21.02 -0.96 25.30
C ALA B 10 20.01 -0.10 24.55
N CYS B 11 18.88 -0.72 24.22
CA CYS B 11 17.82 -0.05 23.49
C CYS B 11 16.76 0.40 24.48
N GLU B 12 16.49 1.70 24.51
CA GLU B 12 15.50 2.28 25.41
C GLU B 12 14.10 2.20 24.84
N PHE B 13 13.19 1.61 25.62
CA PHE B 13 11.78 1.49 25.28
C PHE B 13 10.86 2.31 26.17
N MET B 14 11.25 2.55 27.43
CA MET B 14 10.55 3.46 28.32
C MET B 14 11.63 4.27 29.01
N LYS B 15 11.52 5.59 28.94
CA LYS B 15 12.54 6.49 29.47
C LYS B 15 12.96 6.10 30.88
N ASP B 16 14.25 5.78 31.03
CA ASP B 16 14.87 5.47 32.32
C ASP B 16 14.18 4.33 33.04
N ARG B 17 13.54 3.41 32.30
CA ARG B 17 12.68 2.41 32.92
C ARG B 17 12.69 1.03 32.25
N LEU B 18 12.72 0.96 30.92
CA LEU B 18 12.64 -0.33 30.23
C LEU B 18 13.63 -0.33 29.08
N TYR B 19 14.49 -1.36 29.05
CA TYR B 19 15.55 -1.47 28.05
C TYR B 19 15.64 -2.89 27.51
N PHE B 20 16.24 -2.99 26.33
CA PHE B 20 16.55 -4.25 25.66
C PHE B 20 18.06 -4.30 25.42
N ALA B 21 18.69 -5.37 25.90
CA ALA B 21 20.14 -5.50 25.84
C ALA B 21 20.54 -6.83 25.23
N THR B 22 21.65 -6.81 24.50
CA THR B 22 22.32 -8.02 24.00
C THR B 22 23.61 -8.17 24.77
N LEU B 23 23.75 -9.28 25.49
CA LEU B 23 24.84 -9.47 26.45
C LEU B 23 25.52 -10.81 26.22
N ARG B 24 26.85 -10.80 26.25
CA ARG B 24 27.60 -12.05 26.07
C ARG B 24 27.33 -13.01 27.23
N ASN B 25 27.34 -12.51 28.46
CA ASN B 25 27.20 -13.34 29.64
C ASN B 25 25.98 -12.89 30.43
N ARG B 26 25.37 -13.85 31.15
CA ARG B 26 24.23 -13.60 32.02
C ARG B 26 24.62 -12.58 33.08
N PRO B 27 24.01 -11.41 33.12
CA PRO B 27 24.34 -10.43 34.15
C PRO B 27 23.62 -10.77 35.45
N LYS B 28 23.99 -10.06 36.50
CA LYS B 28 23.36 -10.21 37.81
C LYS B 28 22.54 -8.96 38.09
N SER B 29 21.29 -9.15 38.51
CA SER B 29 20.49 -8.00 38.88
C SER B 29 21.17 -7.26 40.02
N THR B 30 21.20 -5.94 39.91
CA THR B 30 21.76 -5.08 40.92
C THR B 30 20.63 -4.42 41.73
N ILE B 31 21.03 -3.53 42.62
CA ILE B 31 20.02 -2.80 43.40
C ILE B 31 19.35 -1.73 42.56
N ASN B 32 19.92 -1.38 41.40
CA ASN B 32 19.31 -0.43 40.47
C ASN B 32 18.68 -1.05 39.23
N ILE B 33 19.09 -2.25 38.85
CA ILE B 33 18.75 -2.81 37.55
C ILE B 33 18.27 -4.23 37.74
N HIS B 34 17.07 -4.52 37.23
CA HIS B 34 16.52 -5.86 37.17
C HIS B 34 16.72 -6.43 35.77
N TYR B 35 17.44 -7.53 35.68
CA TYR B 35 17.73 -8.21 34.41
C TYR B 35 16.88 -9.46 34.31
N PHE B 36 16.37 -9.72 33.10
CA PHE B 36 15.65 -10.96 32.86
C PHE B 36 15.77 -11.33 31.39
N SER B 37 15.81 -12.65 31.13
CA SER B 37 15.88 -13.22 29.79
C SER B 37 14.81 -14.29 29.67
N ILE B 38 14.29 -14.46 28.45
CA ILE B 38 13.36 -15.54 28.13
C ILE B 38 13.99 -16.56 27.17
N ASP B 39 15.29 -16.44 26.89
CA ASP B 39 15.90 -17.28 25.86
C ASP B 39 15.73 -18.77 26.18
N GLU B 40 15.72 -19.14 27.46
CA GLU B 40 15.51 -20.54 27.83
C GLU B 40 14.11 -20.84 28.33
N GLU B 41 13.25 -19.83 28.44
CA GLU B 41 11.89 -20.00 28.92
C GLU B 41 10.88 -20.13 27.79
N LEU B 42 11.03 -19.33 26.73
CA LEU B 42 10.09 -19.27 25.62
C LEU B 42 10.85 -19.73 24.38
N VAL B 43 10.80 -21.03 24.10
CA VAL B 43 11.69 -21.66 23.14
C VAL B 43 10.89 -22.11 21.94
N TYR B 44 11.33 -21.67 20.76
CA TYR B 44 10.71 -22.02 19.50
C TYR B 44 10.89 -23.51 19.19
N GLU B 45 9.81 -24.17 18.79
CA GLU B 45 9.84 -25.58 18.39
C GLU B 45 9.97 -25.64 16.87
N ASN B 46 11.13 -26.07 16.38
CA ASN B 46 11.46 -25.97 14.97
C ASN B 46 10.99 -27.20 14.22
N PHE B 47 10.62 -27.00 12.96
CA PHE B 47 10.42 -28.12 12.05
C PHE B 47 11.76 -28.55 11.44
N TYR B 48 12.46 -27.64 10.77
CA TYR B 48 13.78 -27.94 10.22
C TYR B 48 14.75 -26.89 10.74
N ALA B 49 15.13 -25.91 9.90
CA ALA B 49 16.06 -24.87 10.32
C ALA B 49 15.37 -23.55 10.67
N ASP B 50 14.05 -23.46 10.49
CA ASP B 50 13.28 -22.35 11.05
C ASP B 50 13.56 -22.20 12.54
N PHE B 51 13.58 -20.94 13.03
CA PHE B 51 13.93 -20.68 14.42
C PHE B 51 13.01 -19.64 15.07
N GLY B 52 11.95 -19.24 14.39
CA GLY B 52 11.06 -18.20 14.87
C GLY B 52 10.25 -17.71 13.68
N PRO B 53 9.36 -16.74 13.89
CA PRO B 53 9.05 -16.02 15.13
C PRO B 53 8.29 -16.86 16.17
N LEU B 54 8.50 -16.59 17.45
CA LEU B 54 7.73 -17.25 18.51
C LEU B 54 6.23 -17.07 18.25
N ASN B 55 5.44 -18.08 18.64
CA ASN B 55 4.02 -18.08 18.35
C ASN B 55 3.26 -17.11 19.26
N LEU B 56 1.97 -16.94 18.96
CA LEU B 56 1.19 -15.92 19.64
C LEU B 56 1.06 -16.21 21.14
N ALA B 57 0.96 -17.47 21.54
CA ALA B 57 0.89 -17.75 22.98
C ALA B 57 2.17 -17.31 23.68
N MET B 58 3.33 -17.49 23.04
CA MET B 58 4.57 -17.03 23.66
C MET B 58 4.64 -15.50 23.72
N VAL B 59 4.17 -14.80 22.68
CA VAL B 59 4.07 -13.34 22.76
C VAL B 59 3.26 -12.93 23.99
N TYR B 60 2.07 -13.55 24.13
CA TYR B 60 1.21 -13.33 25.27
C TYR B 60 1.92 -13.58 26.59
N ARG B 61 2.61 -14.72 26.71
CA ARG B 61 3.26 -15.05 27.97
C ARG B 61 4.35 -14.04 28.29
N TYR B 62 5.08 -13.58 27.28
CA TYR B 62 6.08 -12.53 27.50
C TYR B 62 5.42 -11.26 28.00
N CYS B 63 4.34 -10.83 27.34
CA CYS B 63 3.67 -9.59 27.72
C CYS B 63 3.12 -9.66 29.15
N CYS B 64 2.48 -10.77 29.51
N CYS B 64 2.53 -10.80 29.53
CA CYS B 64 2.07 -10.94 30.90
CA CYS B 64 2.04 -10.97 30.90
C CYS B 64 3.27 -10.81 31.84
C CYS B 64 3.19 -10.96 31.91
N LYS B 65 4.34 -11.55 31.55
CA LYS B 65 5.51 -11.51 32.39
C LYS B 65 6.01 -10.08 32.58
N LEU B 66 6.16 -9.34 31.48
CA LEU B 66 6.73 -8.00 31.57
C LEU B 66 5.77 -7.04 32.24
N ASN B 67 4.46 -7.15 31.97
CA ASN B 67 3.51 -6.25 32.64
C ASN B 67 3.58 -6.45 34.15
N LYS B 68 3.70 -7.70 34.58
CA LYS B 68 3.84 -7.98 36.02
C LYS B 68 5.08 -7.32 36.59
N LYS B 69 6.21 -7.40 35.89
CA LYS B 69 7.43 -6.78 36.40
C LYS B 69 7.27 -5.27 36.49
N LEU B 70 6.53 -4.66 35.56
CA LEU B 70 6.39 -3.22 35.55
C LEU B 70 5.42 -2.72 36.61
N LYS B 71 4.54 -3.59 37.11
CA LYS B 71 3.61 -3.27 38.19
C LYS B 71 4.14 -3.63 39.56
N SER B 72 5.21 -4.41 39.65
CA SER B 72 5.74 -4.84 40.94
C SER B 72 6.21 -3.63 41.75
N TYR B 73 5.85 -3.60 43.03
CA TYR B 73 6.35 -2.52 43.87
C TYR B 73 7.85 -2.66 44.11
N SER B 74 8.33 -3.88 44.36
CA SER B 74 9.75 -4.06 44.67
C SER B 74 10.64 -3.67 43.51
N LEU B 75 10.13 -3.72 42.27
CA LEU B 75 10.92 -3.36 41.10
C LEU B 75 10.65 -1.93 40.65
N SER B 76 9.75 -1.22 41.32
CA SER B 76 9.22 0.04 40.81
C SER B 76 10.30 1.09 40.66
N ARG B 77 11.37 1.01 41.45
CA ARG B 77 12.45 1.99 41.40
C ARG B 77 13.65 1.50 40.62
N LYS B 78 13.53 0.38 39.93
CA LYS B 78 14.63 -0.15 39.14
C LYS B 78 14.41 0.08 37.65
N LYS B 79 15.51 0.05 36.91
CA LYS B 79 15.44 -0.13 35.47
C LYS B 79 15.19 -1.61 35.18
N ILE B 80 14.22 -1.89 34.31
CA ILE B 80 13.95 -3.25 33.87
C ILE B 80 14.68 -3.45 32.55
N VAL B 81 15.50 -4.50 32.47
CA VAL B 81 16.30 -4.78 31.30
C VAL B 81 16.01 -6.20 30.84
N HIS B 82 15.28 -6.32 29.72
CA HIS B 82 15.16 -7.57 28.99
C HIS B 82 16.45 -7.79 28.21
N TYR B 83 17.17 -8.87 28.53
CA TYR B 83 18.43 -9.14 27.84
C TYR B 83 18.31 -10.44 27.07
N THR B 84 19.11 -10.55 26.02
CA THR B 84 19.25 -11.75 25.21
C THR B 84 20.74 -11.95 24.98
N SER B 85 21.11 -13.05 24.32
CA SER B 85 22.51 -13.42 24.11
C SER B 85 23.00 -13.02 22.72
N PHE B 86 24.22 -13.42 22.37
CA PHE B 86 24.74 -13.21 21.03
C PHE B 86 24.41 -14.35 20.10
N ASP B 87 23.53 -15.25 20.54
CA ASP B 87 22.87 -16.17 19.61
C ASP B 87 21.84 -15.34 18.84
N GLN B 88 22.13 -15.09 17.56
CA GLN B 88 21.30 -14.19 16.75
C GLN B 88 19.88 -14.72 16.51
N ARG B 89 19.69 -16.04 16.58
CA ARG B 89 18.34 -16.59 16.44
CA ARG B 89 18.35 -16.60 16.44
C ARG B 89 17.53 -16.38 17.71
N LYS B 90 18.14 -16.52 18.88
CA LYS B 90 17.50 -16.12 20.12
C LYS B 90 17.23 -14.62 20.12
N ARG B 91 18.22 -13.84 19.69
CA ARG B 91 18.15 -12.39 19.77
C ARG B 91 17.02 -11.85 18.89
N ALA B 92 16.84 -12.46 17.72
CA ALA B 92 15.76 -11.99 16.83
C ALA B 92 14.40 -12.21 17.46
N ASN B 93 14.19 -13.38 18.09
CA ASN B 93 12.93 -13.64 18.77
C ASN B 93 12.73 -12.70 19.95
N ALA B 94 13.79 -12.45 20.71
CA ALA B 94 13.68 -11.58 21.88
C ALA B 94 13.36 -10.15 21.48
N ALA B 95 13.97 -9.69 20.39
CA ALA B 95 13.65 -8.36 19.84
C ALA B 95 12.22 -8.31 19.34
N PHE B 96 11.76 -9.37 18.67
CA PHE B 96 10.37 -9.44 18.25
C PHE B 96 9.43 -9.34 19.45
N LEU B 97 9.79 -9.98 20.57
CA LEU B 97 8.90 -9.98 21.72
C LEU B 97 8.77 -8.59 22.32
N ILE B 98 9.89 -7.89 22.55
CA ILE B 98 9.78 -6.57 23.17
C ILE B 98 9.17 -5.57 22.18
N GLY B 99 9.46 -5.71 20.90
CA GLY B 99 8.82 -4.87 19.90
C GLY B 99 7.33 -5.09 19.87
N ALA B 100 6.89 -6.35 20.02
CA ALA B 100 5.46 -6.64 19.99
C ALA B 100 4.79 -6.07 21.23
N TYR B 101 5.47 -6.15 22.38
CA TYR B 101 4.99 -5.50 23.61
C TYR B 101 4.84 -3.98 23.41
N ALA B 102 5.81 -3.37 22.75
CA ALA B 102 5.77 -1.93 22.48
C ALA B 102 4.59 -1.56 21.59
N VAL B 103 4.31 -2.38 20.58
CA VAL B 103 3.17 -2.13 19.71
C VAL B 103 1.86 -2.32 20.45
N ILE B 104 1.73 -3.43 21.19
CA ILE B 104 0.45 -3.78 21.77
C ILE B 104 0.17 -2.92 23.01
N TYR B 105 1.17 -2.70 23.86
CA TYR B 105 0.98 -2.08 25.16
C TYR B 105 1.56 -0.68 25.30
N LEU B 106 2.64 -0.33 24.62
CA LEU B 106 3.16 1.03 24.71
C LEU B 106 2.67 1.92 23.57
N LYS B 107 1.79 1.40 22.70
CA LYS B 107 1.18 2.18 21.62
C LYS B 107 2.23 2.73 20.67
N LYS B 108 3.32 2.00 20.46
CA LYS B 108 4.29 2.41 19.45
C LYS B 108 3.86 1.84 18.10
N THR B 109 4.23 2.54 17.04
CA THR B 109 4.08 1.95 15.71
C THR B 109 5.15 0.87 15.54
N PRO B 110 4.94 -0.08 14.62
CA PRO B 110 6.03 -1.01 14.27
C PRO B 110 7.33 -0.31 13.93
N GLU B 111 7.24 0.82 13.21
CA GLU B 111 8.45 1.55 12.83
C GLU B 111 9.12 2.20 14.05
N GLU B 112 8.33 2.74 14.99
CA GLU B 112 8.93 3.31 16.19
C GLU B 112 9.59 2.22 17.05
N ALA B 113 8.93 1.07 17.18
CA ALA B 113 9.52 -0.02 17.94
C ALA B 113 10.82 -0.50 17.30
N TYR B 114 10.81 -0.63 15.98
CA TYR B 114 12.03 -1.05 15.29
C TYR B 114 13.12 0.01 15.39
N ARG B 115 12.74 1.30 15.39
CA ARG B 115 13.75 2.35 15.56
C ARG B 115 14.46 2.19 16.91
N ALA B 116 13.69 1.95 17.96
CA ALA B 116 14.30 1.71 19.27
C ALA B 116 15.19 0.47 19.24
N LEU B 117 14.76 -0.58 18.54
CA LEU B 117 15.60 -1.78 18.47
C LEU B 117 16.91 -1.51 17.73
N LEU B 118 16.96 -0.52 16.86
CA LEU B 118 18.20 -0.19 16.17
C LEU B 118 18.95 0.98 16.81
N SER B 119 18.43 1.52 17.92
CA SER B 119 18.97 2.76 18.47
C SER B 119 20.36 2.56 19.07
N GLY B 120 20.54 1.49 19.83
CA GLY B 120 21.84 1.24 20.43
C GLY B 120 22.94 1.09 19.40
N SER B 121 24.09 0.62 19.84
CA SER B 121 25.18 0.23 18.94
C SER B 121 25.13 -1.29 18.92
N ASN B 122 24.43 -1.84 17.93
CA ASN B 122 24.30 -3.29 17.88
C ASN B 122 24.15 -3.73 16.43
N PRO B 123 24.57 -4.94 16.11
CA PRO B 123 24.43 -5.44 14.76
C PRO B 123 22.96 -5.51 14.36
N PRO B 124 22.68 -5.68 13.06
CA PRO B 124 21.30 -5.88 12.63
C PRO B 124 20.73 -7.17 13.18
N TYR B 125 19.43 -7.34 13.00
CA TYR B 125 18.73 -8.53 13.46
C TYR B 125 18.61 -9.52 12.32
N LEU B 126 18.85 -10.78 12.63
CA LEU B 126 18.77 -11.84 11.63
C LEU B 126 17.32 -12.04 11.20
N PRO B 127 17.03 -12.09 9.90
CA PRO B 127 15.67 -12.39 9.48
C PRO B 127 15.30 -13.85 9.70
N PHE B 128 14.02 -14.09 9.92
CA PHE B 128 13.50 -15.45 10.05
C PHE B 128 13.45 -16.12 8.68
N ARG B 129 13.76 -17.41 8.67
CA ARG B 129 13.66 -18.24 7.49
C ARG B 129 12.48 -19.20 7.58
N ASP B 130 12.22 -19.90 6.47
CA ASP B 130 11.09 -20.80 6.37
C ASP B 130 11.48 -22.17 6.91
N ALA B 131 10.55 -23.11 6.83
CA ALA B 131 10.68 -24.44 7.39
C ALA B 131 11.11 -25.48 6.35
N SER B 132 11.49 -25.06 5.15
CA SER B 132 11.90 -25.99 4.11
C SER B 132 13.36 -26.39 4.27
N PHE B 133 13.76 -27.42 3.49
CA PHE B 133 15.15 -27.85 3.45
C PHE B 133 16.05 -26.90 2.66
N GLY B 134 15.47 -26.02 1.86
CA GLY B 134 16.28 -25.10 1.08
C GLY B 134 17.25 -24.31 1.95
N ASN B 135 18.20 -23.65 1.30
CA ASN B 135 18.87 -22.53 1.94
C ASN B 135 17.89 -21.36 1.89
N CYS B 136 18.01 -20.45 2.86
CA CYS B 136 17.01 -19.39 3.00
C CYS B 136 16.91 -18.60 1.70
N THR B 137 15.68 -18.28 1.28
CA THR B 137 15.45 -17.45 0.08
C THR B 137 14.55 -16.24 0.32
N TYR B 138 13.82 -16.20 1.42
CA TYR B 138 12.86 -15.14 1.72
C TYR B 138 13.15 -14.69 3.14
N ASN B 139 13.48 -13.42 3.31
CA ASN B 139 13.83 -12.87 4.62
C ASN B 139 12.58 -12.26 5.26
N LEU B 140 12.07 -12.90 6.30
CA LEU B 140 11.01 -12.33 7.11
C LEU B 140 11.65 -11.61 8.30
N THR B 141 11.61 -10.27 8.25
CA THR B 141 12.32 -9.46 9.22
C THR B 141 11.51 -9.27 10.50
N VAL B 142 12.21 -8.82 11.55
CA VAL B 142 11.54 -8.45 12.79
C VAL B 142 10.51 -7.37 12.53
N LEU B 143 10.81 -6.40 11.68
CA LEU B 143 9.82 -5.37 11.38
C LEU B 143 8.60 -5.95 10.68
N ASP B 144 8.81 -6.84 9.70
CA ASP B 144 7.69 -7.58 9.09
C ASP B 144 6.79 -8.19 10.14
N CYS B 145 7.37 -8.86 11.14
CA CYS B 145 6.58 -9.51 12.17
C CYS B 145 5.78 -8.50 12.99
N LEU B 146 6.39 -7.35 13.30
CA LEU B 146 5.70 -6.31 14.04
C LEU B 146 4.57 -5.71 13.21
N GLN B 147 4.81 -5.53 11.91
CA GLN B 147 3.73 -5.10 11.01
C GLN B 147 2.59 -6.11 11.01
N GLY B 148 2.93 -7.41 11.04
CA GLY B 148 1.90 -8.43 11.09
C GLY B 148 1.11 -8.38 12.39
N ILE B 149 1.80 -8.15 13.51
CA ILE B 149 1.12 -7.99 14.79
C ILE B 149 0.14 -6.82 14.70
N ARG B 150 0.60 -5.69 14.18
CA ARG B 150 -0.25 -4.50 14.09
C ARG B 150 -1.50 -4.76 13.23
N LYS B 151 -1.32 -5.41 12.07
CA LYS B 151 -2.46 -5.67 11.19
C LYS B 151 -3.44 -6.64 11.83
N GLY B 152 -2.94 -7.70 12.46
CA GLY B 152 -3.79 -8.60 13.22
C GLY B 152 -4.56 -7.90 14.32
N LEU B 153 -3.92 -6.98 15.02
CA LEU B 153 -4.61 -6.17 16.02
C LEU B 153 -5.66 -5.30 15.35
N GLN B 154 -5.28 -4.61 14.26
CA GLN B 154 -6.17 -3.67 13.59
C GLN B 154 -7.48 -4.34 13.19
N HIS B 155 -7.41 -5.55 12.66
CA HIS B 155 -8.58 -6.24 12.14
C HIS B 155 -9.22 -7.19 13.14
N GLY B 156 -8.81 -7.11 14.41
CA GLY B 156 -9.37 -7.94 15.46
C GLY B 156 -9.08 -9.42 15.33
N PHE B 157 -7.95 -9.79 14.75
CA PHE B 157 -7.60 -11.20 14.65
C PHE B 157 -7.13 -11.77 15.99
N PHE B 158 -6.81 -10.91 16.95
CA PHE B 158 -6.56 -11.35 18.31
C PHE B 158 -6.81 -10.20 19.25
N ASP B 159 -6.96 -10.54 20.52
CA ASP B 159 -7.29 -9.59 21.58
C ASP B 159 -6.77 -10.21 22.87
N PHE B 160 -5.68 -9.65 23.40
CA PHE B 160 -5.09 -10.26 24.58
C PHE B 160 -5.93 -10.05 25.84
N GLU B 161 -6.96 -9.20 25.80
CA GLU B 161 -7.92 -9.16 26.90
C GLU B 161 -8.70 -10.46 27.02
N THR B 162 -8.92 -11.15 25.90
CA THR B 162 -9.71 -12.37 25.90
C THR B 162 -8.94 -13.59 25.43
N PHE B 163 -7.72 -13.44 24.93
CA PHE B 163 -6.95 -14.56 24.44
C PHE B 163 -6.79 -15.64 25.53
N ASP B 164 -7.05 -16.88 25.15
CA ASP B 164 -6.92 -18.03 26.04
C ASP B 164 -5.67 -18.81 25.66
N ALA B 165 -4.55 -18.51 26.34
CA ALA B 165 -3.27 -19.11 25.95
C ALA B 165 -3.24 -20.62 26.25
N GLU B 166 -3.87 -21.04 27.35
CA GLU B 166 -3.89 -22.46 27.67
C GLU B 166 -4.56 -23.27 26.57
N GLU B 167 -5.67 -22.76 26.06
CA GLU B 167 -6.38 -23.45 24.98
C GLU B 167 -5.56 -23.47 23.70
N TYR B 168 -4.98 -22.32 23.33
CA TYR B 168 -4.08 -22.28 22.18
C TYR B 168 -3.02 -23.36 22.30
N GLU B 169 -2.32 -23.39 23.43
CA GLU B 169 -1.24 -24.34 23.62
C GLU B 169 -1.73 -25.76 23.83
N HIS B 170 -3.00 -25.94 24.16
CA HIS B 170 -3.57 -27.29 24.19
C HIS B 170 -3.83 -27.82 22.78
N TYR B 171 -4.60 -27.08 21.98
CA TYR B 171 -4.99 -27.64 20.70
C TYR B 171 -3.87 -27.59 19.66
N GLU B 172 -2.80 -26.82 19.90
CA GLU B 172 -1.69 -26.84 18.95
C GLU B 172 -0.99 -28.20 18.96
N ARG B 173 -1.13 -28.97 20.04
CA ARG B 173 -0.39 -30.22 20.18
C ARG B 173 -1.03 -31.31 19.33
N VAL B 174 -0.19 -32.19 18.80
CA VAL B 174 -0.66 -33.16 17.83
C VAL B 174 -1.66 -34.12 18.47
N GLU B 175 -1.47 -34.45 19.75
CA GLU B 175 -2.41 -35.35 20.41
C GLU B 175 -3.79 -34.74 20.59
N ASN B 176 -3.89 -33.41 20.57
CA ASN B 176 -5.17 -32.73 20.76
C ASN B 176 -5.73 -32.15 19.47
N GLY B 177 -5.16 -32.49 18.32
CA GLY B 177 -5.73 -32.14 17.02
C GLY B 177 -4.84 -31.31 16.13
N ASP B 178 -3.71 -30.80 16.64
CA ASP B 178 -2.81 -29.93 15.90
C ASP B 178 -3.54 -28.89 15.06
N PHE B 179 -4.23 -27.95 15.69
CA PHE B 179 -4.85 -26.88 14.91
C PHE B 179 -4.61 -25.52 15.58
N ASN B 180 -4.67 -24.48 14.75
CA ASN B 180 -4.66 -23.11 15.21
C ASN B 180 -5.68 -22.31 14.41
N TRP B 181 -6.35 -21.41 15.11
CA TRP B 181 -7.15 -20.39 14.44
C TRP B 181 -6.21 -19.39 13.80
N ILE B 182 -6.51 -19.03 12.55
CA ILE B 182 -5.78 -17.99 11.84
C ILE B 182 -6.59 -16.71 11.78
N VAL B 183 -7.88 -16.80 11.47
CA VAL B 183 -8.78 -15.67 11.55
C VAL B 183 -9.96 -16.11 12.40
N PRO B 184 -10.22 -15.46 13.54
CA PRO B 184 -11.29 -15.94 14.42
C PRO B 184 -12.62 -15.95 13.69
N GLY B 185 -13.37 -17.04 13.89
CA GLY B 185 -14.64 -17.26 13.24
C GLY B 185 -14.58 -17.51 11.76
N LYS B 186 -13.40 -17.55 11.16
CA LYS B 186 -13.33 -17.71 9.71
C LYS B 186 -12.39 -18.83 9.27
N PHE B 187 -11.15 -18.89 9.79
CA PHE B 187 -10.20 -19.87 9.30
C PHE B 187 -9.54 -20.61 10.44
N LEU B 188 -9.59 -21.94 10.36
CA LEU B 188 -8.88 -22.85 11.24
C LEU B 188 -7.99 -23.71 10.35
N ALA B 189 -6.71 -23.84 10.72
CA ALA B 189 -5.74 -24.61 9.96
C ALA B 189 -5.31 -25.83 10.77
N PHE B 190 -5.30 -27.00 10.14
CA PHE B 190 -4.95 -28.22 10.87
C PHE B 190 -4.32 -29.23 9.93
N SER B 191 -3.64 -30.20 10.51
CA SER B 191 -3.06 -31.29 9.73
C SER B 191 -4.12 -32.32 9.39
N GLY B 192 -3.96 -32.95 8.22
CA GLY B 192 -5.01 -33.75 7.63
C GLY B 192 -5.41 -34.94 8.50
N PRO B 193 -6.71 -35.17 8.66
CA PRO B 193 -7.17 -36.34 9.42
C PRO B 193 -6.82 -37.64 8.71
N HIS B 194 -6.85 -38.72 9.48
CA HIS B 194 -6.51 -40.06 9.02
C HIS B 194 -7.75 -40.95 9.00
N PRO B 195 -7.66 -42.11 8.33
CA PRO B 195 -8.87 -42.96 8.21
C PRO B 195 -9.33 -43.52 9.54
N LYS B 196 -8.40 -43.97 10.38
CA LYS B 196 -8.71 -44.51 11.69
C LYS B 196 -7.89 -43.79 12.75
N SER B 197 -8.54 -43.41 13.83
CA SER B 197 -7.82 -42.86 14.98
C SER B 197 -6.97 -43.96 15.61
N LYS B 198 -5.80 -43.57 16.11
CA LYS B 198 -4.82 -44.54 16.61
C LYS B 198 -3.57 -43.84 17.12
N ILE B 199 -2.58 -44.62 17.56
CA ILE B 199 -1.26 -44.10 17.94
C ILE B 199 -0.23 -44.99 17.28
N GLU B 200 0.42 -44.49 16.22
CA GLU B 200 1.34 -45.26 15.39
C GLU B 200 2.77 -44.75 15.61
N ASN B 201 3.58 -45.55 16.33
CA ASN B 201 4.98 -45.22 16.61
C ASN B 201 5.10 -43.96 17.47
N GLY B 202 4.23 -43.86 18.48
CA GLY B 202 4.17 -42.70 19.35
C GLY B 202 3.28 -41.59 18.82
N TYR B 203 3.34 -41.34 17.51
CA TYR B 203 2.61 -40.24 16.88
C TYR B 203 1.12 -40.53 16.81
N PRO B 204 0.25 -39.79 17.52
CA PRO B 204 -1.18 -40.06 17.43
C PRO B 204 -1.79 -39.58 16.12
N LEU B 205 -2.78 -40.33 15.64
CA LEU B 205 -3.53 -40.01 14.43
C LEU B 205 -4.99 -39.81 14.78
N HIS B 206 -5.65 -38.89 14.07
CA HIS B 206 -7.01 -38.48 14.39
C HIS B 206 -7.91 -38.67 13.18
N ALA B 207 -9.05 -39.27 13.41
CA ALA B 207 -10.03 -39.45 12.35
C ALA B 207 -10.94 -38.24 12.27
N PRO B 208 -11.60 -38.04 11.13
CA PRO B 208 -12.55 -36.91 11.01
C PRO B 208 -13.49 -36.76 12.19
N GLU B 209 -14.02 -37.86 12.71
CA GLU B 209 -15.03 -37.78 13.77
C GLU B 209 -14.46 -37.17 15.04
N ALA B 210 -13.15 -37.25 15.26
CA ALA B 210 -12.56 -36.66 16.45
C ALA B 210 -12.82 -35.15 16.50
N TYR B 211 -12.91 -34.52 15.32
CA TYR B 211 -13.04 -33.08 15.21
C TYR B 211 -14.48 -32.59 15.24
N PHE B 212 -15.45 -33.49 15.06
CA PHE B 212 -16.85 -33.07 14.99
C PHE B 212 -17.28 -32.22 16.18
N PRO B 213 -16.98 -32.60 17.43
CA PRO B 213 -17.44 -31.81 18.56
C PRO B 213 -16.96 -30.35 18.50
N TYR B 214 -15.64 -30.17 18.44
CA TYR B 214 -15.09 -28.82 18.48
C TYR B 214 -15.58 -28.00 17.30
N PHE B 215 -15.56 -28.58 16.10
CA PHE B 215 -16.07 -27.89 14.92
C PHE B 215 -17.51 -27.43 15.13
N LYS B 216 -18.40 -28.37 15.47
CA LYS B 216 -19.79 -27.98 15.68
C LYS B 216 -19.90 -26.86 16.71
N LYS B 217 -19.17 -27.00 17.82
CA LYS B 217 -19.25 -26.00 18.87
C LYS B 217 -18.77 -24.63 18.43
N ASN B 218 -17.93 -24.57 17.39
CA ASN B 218 -17.26 -23.32 17.02
C ASN B 218 -17.65 -22.86 15.63
N ASN B 219 -18.80 -23.32 15.14
CA ASN B 219 -19.38 -22.84 13.90
C ASN B 219 -18.50 -23.17 12.69
N VAL B 220 -17.69 -24.21 12.80
CA VAL B 220 -16.97 -24.73 11.64
C VAL B 220 -17.97 -25.49 10.77
N THR B 221 -18.29 -24.93 9.60
CA THR B 221 -19.27 -25.48 8.69
C THR B 221 -18.66 -26.23 7.53
N THR B 222 -17.39 -25.96 7.20
CA THR B 222 -16.82 -26.37 5.92
C THR B 222 -15.39 -26.83 6.11
N ILE B 223 -15.03 -27.91 5.42
CA ILE B 223 -13.66 -28.42 5.40
C ILE B 223 -13.16 -28.29 3.97
N VAL B 224 -11.94 -27.79 3.82
CA VAL B 224 -11.26 -27.75 2.53
C VAL B 224 -9.98 -28.58 2.67
N ARG B 225 -9.81 -29.57 1.80
CA ARG B 225 -8.65 -30.45 1.77
C ARG B 225 -7.82 -30.15 0.53
N LEU B 226 -6.50 -30.05 0.72
CA LEU B 226 -5.59 -29.69 -0.36
C LEU B 226 -4.57 -30.77 -0.67
N ASN B 227 -4.58 -31.87 0.06
CA ASN B 227 -3.58 -32.93 -0.10
C ASN B 227 -4.27 -34.23 -0.50
N LYS B 228 -3.45 -35.26 -0.74
CA LYS B 228 -3.95 -36.56 -1.16
C LYS B 228 -5.05 -37.06 -0.24
N LYS B 229 -5.99 -37.81 -0.83
CA LYS B 229 -7.09 -38.39 -0.07
C LYS B 229 -6.62 -39.64 0.68
N ILE B 230 -6.92 -39.69 1.98
CA ILE B 230 -6.68 -40.87 2.80
C ILE B 230 -7.85 -41.06 3.74
N TYR B 231 -8.98 -40.44 3.41
CA TYR B 231 -10.23 -40.63 4.14
C TYR B 231 -11.35 -40.21 3.20
N GLU B 232 -12.54 -40.74 3.45
CA GLU B 232 -13.67 -40.45 2.58
C GLU B 232 -14.31 -39.12 2.96
N ALA B 233 -14.43 -38.23 1.99
CA ALA B 233 -15.15 -36.98 2.21
C ALA B 233 -16.53 -37.22 2.79
N LYS B 234 -17.10 -38.43 2.57
CA LYS B 234 -18.42 -38.75 3.11
C LYS B 234 -18.44 -38.61 4.62
N ARG B 235 -17.33 -38.93 5.29
CA ARG B 235 -17.32 -38.95 6.74
C ARG B 235 -17.60 -37.57 7.31
N PHE B 236 -17.21 -36.51 6.61
CA PHE B 236 -17.54 -35.16 7.05
C PHE B 236 -18.92 -34.74 6.56
N THR B 237 -19.25 -35.03 5.30
CA THR B 237 -20.49 -34.51 4.75
C THR B 237 -21.70 -35.14 5.44
N ASP B 238 -21.58 -36.40 5.84
CA ASP B 238 -22.69 -37.07 6.53
C ASP B 238 -22.95 -36.42 7.87
N ALA B 239 -21.92 -35.90 8.53
CA ALA B 239 -22.07 -35.21 9.80
C ALA B 239 -22.62 -33.80 9.64
N GLY B 240 -22.99 -33.40 8.42
CA GLY B 240 -23.55 -32.09 8.18
C GLY B 240 -22.55 -31.06 7.67
N PHE B 241 -21.26 -31.34 7.73
CA PHE B 241 -20.27 -30.41 7.21
C PHE B 241 -20.25 -30.44 5.69
N GLU B 242 -19.88 -29.32 5.10
CA GLU B 242 -19.51 -29.33 3.69
C GLU B 242 -18.03 -29.64 3.55
N HIS B 243 -17.65 -30.18 2.40
CA HIS B 243 -16.29 -30.62 2.20
C HIS B 243 -15.91 -30.37 0.75
N TYR B 244 -14.70 -29.83 0.56
CA TYR B 244 -14.23 -29.48 -0.76
C TYR B 244 -12.82 -30.02 -0.93
N ASP B 245 -12.53 -30.44 -2.16
CA ASP B 245 -11.20 -30.94 -2.52
C ASP B 245 -10.61 -29.99 -3.55
N LEU B 246 -9.46 -29.40 -3.19
CA LEU B 246 -8.68 -28.55 -4.08
C LEU B 246 -7.24 -29.02 -3.96
N PHE B 247 -6.94 -30.17 -4.55
CA PHE B 247 -5.61 -30.76 -4.42
C PHE B 247 -4.59 -29.98 -5.23
N PHE B 248 -3.43 -29.73 -4.63
CA PHE B 248 -2.26 -29.41 -5.41
C PHE B 248 -1.03 -29.99 -4.73
N ILE B 249 -0.01 -30.24 -5.55
CA ILE B 249 1.15 -31.01 -5.14
C ILE B 249 1.80 -30.39 -3.90
N ASP B 250 2.23 -31.26 -2.99
CA ASP B 250 3.02 -30.84 -1.84
C ASP B 250 4.21 -30.01 -2.28
N GLY B 251 4.36 -28.84 -1.67
CA GLY B 251 5.49 -27.99 -1.97
C GLY B 251 5.35 -27.14 -3.22
N SER B 252 4.24 -27.25 -3.93
CA SER B 252 4.01 -26.47 -5.13
C SER B 252 3.24 -25.20 -4.80
N THR B 253 3.19 -24.30 -5.77
CA THR B 253 2.33 -23.12 -5.65
C THR B 253 1.02 -23.34 -6.40
N PRO B 254 -0.09 -22.86 -5.83
CA PRO B 254 -1.41 -23.17 -6.42
C PRO B 254 -1.66 -22.44 -7.72
N SER B 255 -2.31 -23.12 -8.66
CA SER B 255 -2.65 -22.53 -9.95
C SER B 255 -3.68 -21.41 -9.78
N ASP B 256 -3.80 -20.61 -10.85
CA ASP B 256 -4.83 -19.57 -10.83
C ASP B 256 -6.20 -20.18 -10.54
N ASN B 257 -6.46 -21.37 -11.11
CA ASN B 257 -7.76 -22.01 -10.95
C ASN B 257 -8.01 -22.42 -9.49
N ILE B 258 -7.02 -23.02 -8.84
CA ILE B 258 -7.20 -23.41 -7.45
C ILE B 258 -7.38 -22.20 -6.55
N VAL B 259 -6.61 -21.12 -6.79
CA VAL B 259 -6.84 -19.91 -6.01
C VAL B 259 -8.26 -19.39 -6.21
N ARG B 260 -8.70 -19.26 -7.47
N ARG B 260 -8.72 -19.27 -7.46
CA ARG B 260 -10.05 -18.75 -7.76
CA ARG B 260 -10.05 -18.72 -7.70
C ARG B 260 -11.11 -19.57 -7.03
C ARG B 260 -11.11 -19.57 -7.00
N ARG B 261 -10.99 -20.89 -7.08
CA ARG B 261 -11.98 -21.76 -6.45
C ARG B 261 -11.93 -21.67 -4.94
N PHE B 262 -10.72 -21.68 -4.35
CA PHE B 262 -10.64 -21.50 -2.90
C PHE B 262 -11.35 -20.23 -2.48
N LEU B 263 -11.10 -19.15 -3.21
CA LEU B 263 -11.70 -17.87 -2.84
C LEU B 263 -13.21 -17.92 -3.01
N ASN B 264 -13.70 -18.51 -4.10
CA ASN B 264 -15.14 -18.69 -4.26
C ASN B 264 -15.76 -19.42 -3.09
N ILE B 265 -15.18 -20.56 -2.72
CA ILE B 265 -15.71 -21.32 -1.59
C ILE B 265 -15.82 -20.44 -0.36
N CYS B 266 -14.72 -19.77 0.00
CA CYS B 266 -14.69 -19.05 1.27
C CYS B 266 -15.61 -17.83 1.26
N GLU B 267 -15.77 -17.19 0.10
CA GLU B 267 -16.62 -15.99 0.02
C GLU B 267 -18.09 -16.35 0.06
N ASN B 268 -18.44 -17.56 -0.36
CA ASN B 268 -19.84 -18.00 -0.36
C ASN B 268 -20.14 -18.93 0.80
N THR B 269 -19.27 -18.98 1.80
CA THR B 269 -19.42 -19.86 2.95
C THR B 269 -19.83 -19.02 4.14
N GLU B 270 -20.82 -19.52 4.89
CA GLU B 270 -21.36 -18.75 6.00
C GLU B 270 -20.39 -18.75 7.18
N GLY B 271 -20.08 -19.92 7.69
CA GLY B 271 -19.39 -20.06 8.96
C GLY B 271 -17.88 -20.09 8.86
N ALA B 272 -17.27 -20.77 9.81
CA ALA B 272 -15.82 -20.96 9.83
C ALA B 272 -15.44 -22.09 8.89
N ILE B 273 -14.22 -21.99 8.36
CA ILE B 273 -13.69 -22.95 7.39
C ILE B 273 -12.45 -23.59 7.98
N ALA B 274 -12.41 -24.91 8.02
CA ALA B 274 -11.26 -25.65 8.50
C ALA B 274 -10.49 -26.16 7.29
N VAL B 275 -9.25 -25.70 7.14
CA VAL B 275 -8.42 -26.01 5.99
C VAL B 275 -7.29 -26.92 6.42
N HIS B 276 -7.01 -27.94 5.62
CA HIS B 276 -5.92 -28.85 5.92
C HIS B 276 -5.21 -29.28 4.65
N SER B 277 -3.93 -29.59 4.82
CA SER B 277 -3.12 -30.26 3.83
C SER B 277 -2.54 -31.47 4.57
N LYS B 278 -1.36 -31.96 4.20
CA LYS B 278 -0.76 -33.02 5.01
C LYS B 278 -0.40 -32.50 6.39
N ALA B 279 0.48 -31.48 6.45
CA ALA B 279 0.86 -30.87 7.72
C ALA B 279 -0.04 -29.69 8.09
N GLY B 280 -0.81 -29.15 7.15
CA GLY B 280 -1.58 -27.95 7.43
C GLY B 280 -0.74 -26.69 7.53
N LEU B 281 0.39 -26.66 6.84
CA LEU B 281 1.34 -25.56 6.95
C LEU B 281 1.57 -24.88 5.61
N GLY B 282 2.14 -25.57 4.62
CA GLY B 282 2.49 -24.95 3.36
C GLY B 282 1.30 -24.61 2.49
N ARG B 283 0.70 -25.64 1.87
CA ARG B 283 -0.47 -25.42 1.02
C ARG B 283 -1.59 -24.70 1.77
N THR B 284 -1.84 -25.10 3.01
CA THR B 284 -2.90 -24.50 3.80
C THR B 284 -2.62 -23.02 4.08
N GLY B 285 -1.41 -22.70 4.55
CA GLY B 285 -1.10 -21.31 4.85
C GLY B 285 -1.16 -20.45 3.61
N THR B 286 -0.71 -20.99 2.48
CA THR B 286 -0.63 -20.23 1.25
C THR B 286 -2.01 -19.79 0.80
N LEU B 287 -3.00 -20.69 0.81
CA LEU B 287 -4.32 -20.32 0.30
C LEU B 287 -5.04 -19.40 1.28
N ILE B 288 -4.92 -19.64 2.58
CA ILE B 288 -5.51 -18.73 3.56
C ILE B 288 -4.92 -17.33 3.38
N ALA B 289 -3.61 -17.24 3.16
CA ALA B 289 -2.99 -15.94 2.93
C ALA B 289 -3.60 -15.23 1.73
N CYS B 290 -3.84 -15.98 0.63
CA CYS B 290 -4.45 -15.38 -0.55
C CYS B 290 -5.77 -14.70 -0.20
N TYR B 291 -6.62 -15.36 0.60
CA TYR B 291 -7.88 -14.78 1.02
C TYR B 291 -7.66 -13.53 1.86
N VAL B 292 -6.74 -13.59 2.81
CA VAL B 292 -6.58 -12.45 3.72
C VAL B 292 -5.99 -11.26 2.97
N MET B 293 -5.05 -11.50 2.05
CA MET B 293 -4.53 -10.42 1.23
C MET B 293 -5.65 -9.80 0.39
N LYS B 294 -6.47 -10.63 -0.26
CA LYS B 294 -7.55 -10.10 -1.10
C LYS B 294 -8.50 -9.23 -0.31
N HIS B 295 -8.97 -9.70 0.84
CA HIS B 295 -10.07 -9.07 1.56
C HIS B 295 -9.66 -8.13 2.67
N TYR B 296 -8.41 -8.16 3.16
CA TYR B 296 -7.98 -7.25 4.21
C TYR B 296 -6.76 -6.44 3.80
N ARG B 297 -6.21 -6.68 2.62
CA ARG B 297 -5.10 -5.92 2.09
C ARG B 297 -3.87 -5.99 3.01
N PHE B 298 -3.67 -7.15 3.66
CA PHE B 298 -2.33 -7.49 4.16
C PHE B 298 -1.35 -7.55 3.01
N THR B 299 -0.14 -7.02 3.24
CA THR B 299 0.99 -7.31 2.36
C THR B 299 1.44 -8.76 2.54
N HIS B 300 2.25 -9.21 1.58
CA HIS B 300 2.79 -10.57 1.66
C HIS B 300 3.55 -10.77 2.97
N ALA B 301 4.40 -9.81 3.35
CA ALA B 301 5.20 -9.96 4.56
C ALA B 301 4.32 -10.00 5.78
N GLU B 302 3.32 -9.10 5.83
CA GLU B 302 2.38 -9.03 6.94
C GLU B 302 1.64 -10.34 7.15
N ILE B 303 1.15 -10.94 6.05
CA ILE B 303 0.37 -12.16 6.21
C ILE B 303 1.26 -13.37 6.49
N ILE B 304 2.44 -13.44 5.89
CA ILE B 304 3.34 -14.55 6.22
C ILE B 304 3.69 -14.49 7.71
N ALA B 305 4.00 -13.30 8.23
CA ALA B 305 4.24 -13.10 9.65
C ALA B 305 3.04 -13.50 10.49
N TRP B 306 1.85 -13.00 10.14
CA TRP B 306 0.68 -13.26 10.98
C TRP B 306 0.36 -14.74 11.03
N ILE B 307 0.41 -15.42 9.88
CA ILE B 307 0.03 -16.84 9.84
C ILE B 307 1.08 -17.69 10.57
N ARG B 308 2.37 -17.34 10.45
CA ARG B 308 3.41 -18.08 11.17
C ARG B 308 3.32 -17.84 12.67
N ILE B 309 2.91 -16.64 13.11
CA ILE B 309 2.76 -16.35 14.53
C ILE B 309 1.60 -17.16 15.10
N CYS B 310 0.55 -17.36 14.31
CA CYS B 310 -0.55 -18.23 14.71
C CYS B 310 -0.16 -19.71 14.63
N ARG B 311 0.59 -20.08 13.59
CA ARG B 311 0.81 -21.49 13.24
C ARG B 311 2.20 -21.62 12.66
N PRO B 312 3.21 -21.80 13.52
CA PRO B 312 4.59 -21.83 13.03
C PRO B 312 4.80 -22.86 11.94
N GLY B 313 5.71 -22.53 11.02
CA GLY B 313 6.04 -23.35 9.87
C GLY B 313 5.17 -23.15 8.65
N SER B 314 4.14 -22.32 8.73
CA SER B 314 3.25 -22.09 7.59
C SER B 314 3.95 -21.35 6.46
N ILE B 315 3.60 -21.73 5.21
CA ILE B 315 4.02 -21.08 3.95
C ILE B 315 5.49 -21.34 3.68
N ILE B 316 5.78 -22.18 2.70
CA ILE B 316 7.07 -22.85 2.61
C ILE B 316 7.66 -22.67 1.23
N GLY B 317 8.98 -22.37 1.20
CA GLY B 317 9.75 -22.35 -0.01
C GLY B 317 9.20 -21.39 -1.04
N PRO B 318 8.87 -21.90 -2.24
CA PRO B 318 8.41 -21.00 -3.30
C PRO B 318 7.07 -20.37 -2.99
N GLN B 319 6.31 -20.92 -2.04
CA GLN B 319 5.03 -20.34 -1.67
C GLN B 319 5.20 -18.93 -1.12
N GLN B 320 6.33 -18.66 -0.45
CA GLN B 320 6.63 -17.32 0.05
C GLN B 320 6.70 -16.32 -1.08
N HIS B 321 7.54 -16.59 -2.08
CA HIS B 321 7.72 -15.68 -3.20
C HIS B 321 6.46 -15.58 -4.03
N PHE B 322 5.70 -16.67 -4.10
CA PHE B 322 4.40 -16.67 -4.76
C PHE B 322 3.51 -15.56 -4.20
N LEU B 323 3.41 -15.49 -2.87
CA LEU B 323 2.54 -14.49 -2.25
C LEU B 323 3.04 -13.08 -2.57
N LYS B 324 4.35 -12.87 -2.60
CA LYS B 324 4.88 -11.56 -2.97
C LYS B 324 4.55 -11.25 -4.43
N GLU B 325 4.68 -12.24 -5.30
CA GLU B 325 4.46 -12.02 -6.72
C GLU B 325 2.98 -11.81 -7.05
N LYS B 326 2.07 -12.32 -6.21
CA LYS B 326 0.64 -12.23 -6.44
C LYS B 326 -0.03 -11.11 -5.69
N GLN B 327 0.71 -10.36 -4.85
CA GLN B 327 0.09 -9.36 -3.98
C GLN B 327 -0.71 -8.32 -4.77
N ALA B 328 -0.08 -7.68 -5.75
CA ALA B 328 -0.76 -6.63 -6.48
C ALA B 328 -2.05 -7.15 -7.08
N SER B 329 -1.99 -8.32 -7.72
CA SER B 329 -3.16 -8.97 -8.32
C SER B 329 -4.23 -9.25 -7.27
N LEU B 330 -3.83 -9.76 -6.10
CA LEU B 330 -4.83 -10.12 -5.10
C LEU B 330 -5.51 -8.88 -4.55
N TRP B 331 -4.75 -7.80 -4.36
CA TRP B 331 -5.36 -6.56 -3.91
C TRP B 331 -6.35 -6.05 -4.96
N VAL B 332 -5.97 -6.10 -6.23
CA VAL B 332 -6.88 -5.68 -7.31
C VAL B 332 -8.14 -6.54 -7.30
N GLN B 333 -8.00 -7.88 -7.15
CA GLN B 333 -9.16 -8.75 -7.07
C GLN B 333 -10.06 -8.35 -5.90
N GLY B 334 -9.46 -7.88 -4.81
CA GLY B 334 -10.24 -7.37 -3.70
C GLY B 334 -11.05 -6.15 -4.07
N ASP B 335 -10.41 -5.20 -4.76
CA ASP B 335 -11.15 -4.01 -5.21
C ASP B 335 -12.30 -4.40 -6.13
N ILE B 336 -12.06 -5.34 -7.06
CA ILE B 336 -13.12 -5.78 -7.97
C ILE B 336 -14.25 -6.45 -7.19
N PHE B 337 -13.90 -7.29 -6.22
CA PHE B 337 -14.90 -7.93 -5.36
C PHE B 337 -15.77 -6.88 -4.67
N ARG B 338 -15.15 -5.86 -4.12
CA ARG B 338 -15.92 -4.88 -3.39
C ARG B 338 -16.71 -3.98 -4.33
N SER B 339 -16.28 -3.86 -5.59
CA SER B 339 -17.00 -2.98 -6.52
C SER B 339 -18.34 -3.58 -6.96
N LYS B 340 -18.59 -4.84 -6.64
CA LYS B 340 -19.82 -5.53 -7.04
C LYS B 340 -20.79 -5.71 -5.88
N LEU B 341 -20.46 -5.18 -4.72
CA LEU B 341 -21.25 -5.46 -3.54
C LEU B 341 -22.55 -4.65 -3.58
N LYS B 342 -23.49 -5.10 -2.76
CA LYS B 342 -24.81 -4.51 -2.61
C LYS B 342 -25.11 -4.31 -1.14
N ASN B 343 -24.22 -3.64 -0.44
CA ASN B 343 -24.31 -3.48 1.00
C ASN B 343 -24.70 -2.05 1.34
N ARG B 344 -25.25 -1.89 2.56
CA ARG B 344 -25.72 -0.59 3.10
C ARG B 344 -27.24 -0.50 2.99
N ALA C 1 6.52 -27.31 0.84
CA ALA C 1 7.12 -28.64 0.93
C ALA C 1 6.97 -29.11 2.36
N SEP C 2 5.82 -29.70 2.69
CA SEP C 2 5.39 -29.75 4.11
CB SEP C 2 3.93 -30.17 4.22
OG SEP C 2 3.19 -29.42 3.30
C SEP C 2 6.25 -30.64 4.95
O SEP C 2 6.63 -31.73 4.51
P SEP C 2 1.68 -29.14 3.73
O1P SEP C 2 1.58 -28.43 5.15
O2P SEP C 2 0.86 -30.52 3.79
O3P SEP C 2 1.18 -28.30 2.46
N PRO C 3 6.54 -30.19 6.18
CA PRO C 3 7.32 -31.01 7.10
C PRO C 3 6.66 -32.36 7.35
N ARG C 4 7.36 -33.32 7.99
CA ARG C 4 6.86 -34.73 8.13
C ARG C 4 6.94 -35.22 9.58
C1 GOL D . 13.19 9.31 -26.19
O1 GOL D . 12.99 10.57 -25.57
C2 GOL D . 12.35 9.26 -27.44
O2 GOL D . 12.29 10.57 -27.99
C3 GOL D . 12.88 8.27 -28.46
O3 GOL D . 11.96 8.21 -29.54
H11 GOL D . 12.94 8.58 -25.60
H12 GOL D . 14.12 9.18 -26.43
HO1 GOL D . 12.29 10.92 -25.91
H2 GOL D . 11.47 8.93 -27.18
HO2 GOL D . 11.51 10.87 -27.86
H31 GOL D . 12.99 7.40 -28.04
H32 GOL D . 13.76 8.55 -28.75
HO3 GOL D . 11.47 8.91 -29.52
C1 GOL E . 6.84 22.67 -20.43
O1 GOL E . 6.68 23.86 -21.21
C2 GOL E . 6.11 21.54 -21.13
O2 GOL E . 6.66 21.36 -22.43
C3 GOL E . 6.22 20.23 -20.36
O3 GOL E . 6.74 19.31 -21.30
H11 GOL E . 6.47 22.77 -19.54
H12 GOL E . 7.77 22.43 -20.32
HO1 GOL E . 7.03 24.50 -20.77
H2 GOL E . 5.18 21.79 -21.16
HO2 GOL E . 6.28 20.69 -22.80
H31 GOL E . 5.35 19.97 -20.03
H32 GOL E . 6.81 20.34 -19.59
HO3 GOL E . 6.90 18.57 -20.90
S SO4 F . 2.98 2.09 -11.66
O1 SO4 F . 3.49 0.86 -12.37
O2 SO4 F . 1.52 2.31 -11.84
O3 SO4 F . 3.33 2.10 -10.20
O4 SO4 F . 3.66 3.22 -12.34
S SO4 G . 6.67 -4.17 -11.70
O1 SO4 G . 6.38 -5.62 -11.86
O2 SO4 G . 5.38 -3.44 -11.83
O3 SO4 G . 7.22 -3.87 -10.36
O4 SO4 G . 7.68 -3.74 -12.72
C1 GOL H . 13.27 -6.70 44.34
O1 GOL H . 14.55 -6.21 43.96
C2 GOL H . 13.24 -8.22 44.27
O2 GOL H . 12.65 -8.73 45.45
C3 GOL H . 12.44 -8.74 43.08
O3 GOL H . 11.11 -8.95 43.52
H11 GOL H . 12.58 -6.35 43.75
H12 GOL H . 13.05 -6.43 45.24
HO1 GOL H . 14.64 -5.43 44.28
H2 GOL H . 14.16 -8.48 44.14
HO2 GOL H . 11.91 -9.08 45.24
H31 GOL H . 12.84 -9.55 42.75
H32 GOL H . 12.47 -8.09 42.36
HO3 GOL H . 10.72 -8.21 43.62
C1 GOL I . -6.07 -15.39 17.56
O1 GOL I . -7.05 -14.77 18.38
C2 GOL I . -5.71 -16.78 18.08
O2 GOL I . -6.88 -17.56 18.15
C3 GOL I . -4.63 -17.42 17.20
O3 GOL I . -4.72 -18.85 17.21
H11 GOL I . -5.26 -14.87 17.53
H12 GOL I . -6.39 -15.48 16.65
HO1 GOL I . -7.40 -14.14 17.94
H2 GOL I . -5.33 -16.69 18.96
HO2 GOL I . -7.48 -17.16 17.70
H31 GOL I . -3.76 -17.13 17.52
H32 GOL I . -4.73 -17.08 16.29
HO3 GOL I . -4.33 -19.15 16.52
C1 GOL J . 6.33 -8.50 44.57
O1 GOL J . 7.72 -8.24 44.56
C2 GOL J . 5.61 -7.21 44.86
O2 GOL J . 6.59 -6.19 44.89
C3 GOL J . 4.53 -6.93 43.83
O3 GOL J . 3.99 -5.64 44.08
H11 GOL J . 6.09 -9.15 45.24
H12 GOL J . 6.03 -8.84 43.71
HO1 GOL J . 8.02 -8.42 43.78
H2 GOL J . 5.15 -7.29 45.72
HO2 GOL J . 6.94 -6.20 45.66
H31 GOL J . 3.86 -7.62 43.89
H32 GOL J . 4.92 -6.99 42.94
HO3 GOL J . 3.30 -5.54 43.59
S SO4 K . 0.19 -35.35 0.09
O1 SO4 K . -0.75 -35.73 1.19
O2 SO4 K . -0.56 -34.64 -0.99
O3 SO4 K . 1.23 -34.47 0.72
O4 SO4 K . 0.87 -36.55 -0.51
#